data_8SV6
#
_entry.id   8SV6
#
_cell.length_a   94.422
_cell.length_b   94.422
_cell.length_c   215.055
_cell.angle_alpha   90.00
_cell.angle_beta   90.00
_cell.angle_gamma   90.00
#
_symmetry.space_group_name_H-M   'P 41 21 2'
#
_entity_poly.entity_id   1
_entity_poly.type   'polypeptide(L)'
_entity_poly.pdbx_seq_one_letter_code
;GSHMSAELEIDVKTRILDAAADAFMVHGFANTTIDDIAEQVGATKGLIYYHFRSKFDIFLAVYEDGMRRVRERVEPHAGG
AGTGRERLVAMSVAHLENLMTELGYHHVVHQGVRYQASTALKIRQRDALAALNELRRDYELMFRRVVAEGIADGSLRVVD
EALATRTLLSNLNAVDMWYRRIEGQTLDEINELATNVVDLLITGMANPQGRPR
;
_entity_poly.pdbx_strand_id   A,B,C,D
#
# COMPACT_ATOMS: atom_id res chain seq x y z
N GLU A 9 -46.24 -16.94 -31.71
CA GLU A 9 -46.40 -17.62 -30.43
C GLU A 9 -46.73 -16.63 -29.31
N ILE A 10 -47.68 -15.73 -29.57
CA ILE A 10 -48.04 -14.70 -28.61
C ILE A 10 -48.86 -15.36 -27.49
N ASP A 11 -48.29 -15.41 -26.29
CA ASP A 11 -48.94 -16.04 -25.14
C ASP A 11 -48.97 -15.05 -23.99
N VAL A 12 -50.09 -15.03 -23.24
CA VAL A 12 -50.31 -13.96 -22.27
C VAL A 12 -49.51 -14.21 -20.99
N LYS A 13 -49.57 -15.41 -20.44
CA LYS A 13 -48.84 -15.71 -19.20
C LYS A 13 -47.35 -15.50 -19.39
N THR A 14 -46.81 -16.02 -20.51
CA THR A 14 -45.37 -15.91 -20.73
C THR A 14 -44.94 -14.45 -20.91
N ARG A 15 -45.70 -13.67 -21.68
CA ARG A 15 -45.36 -12.26 -21.83
C ARG A 15 -45.39 -11.55 -20.49
N ILE A 16 -46.28 -11.97 -19.59
CA ILE A 16 -46.26 -11.43 -18.24
C ILE A 16 -44.99 -11.89 -17.53
N LEU A 17 -44.55 -13.12 -17.80
CA LEU A 17 -43.33 -13.64 -17.20
C LEU A 17 -42.10 -12.89 -17.69
N ASP A 18 -42.00 -12.63 -18.99
CA ASP A 18 -40.83 -11.93 -19.52
C ASP A 18 -40.78 -10.50 -19.01
N ALA A 19 -41.91 -9.79 -19.08
CA ALA A 19 -41.96 -8.42 -18.54
C ALA A 19 -41.49 -8.40 -17.10
N ALA A 20 -41.86 -9.41 -16.31
CA ALA A 20 -41.40 -9.50 -14.93
C ALA A 20 -39.90 -9.78 -14.89
N ALA A 21 -39.47 -10.90 -15.49
CA ALA A 21 -38.04 -11.24 -15.47
C ALA A 21 -37.19 -10.08 -15.94
N ASP A 22 -37.64 -9.38 -16.98
CA ASP A 22 -36.96 -8.16 -17.42
C ASP A 22 -36.86 -7.16 -16.28
N ALA A 23 -38.02 -6.69 -15.80
CA ALA A 23 -38.02 -5.71 -14.72
C ALA A 23 -37.35 -6.27 -13.47
N PHE A 24 -37.62 -7.53 -13.14
CA PHE A 24 -37.04 -8.13 -11.94
C PHE A 24 -35.52 -8.03 -11.96
N MET A 25 -34.91 -8.06 -13.14
CA MET A 25 -33.45 -8.04 -13.24
C MET A 25 -32.88 -6.62 -13.16
N VAL A 26 -33.21 -5.78 -14.15
CA VAL A 26 -32.61 -4.46 -14.22
C VAL A 26 -33.17 -3.56 -13.12
N HIS A 27 -34.48 -3.41 -13.08
CA HIS A 27 -35.11 -2.74 -11.94
C HIS A 27 -35.04 -3.67 -10.73
N GLY A 28 -34.63 -3.12 -9.60
CA GLY A 28 -34.53 -3.93 -8.40
C GLY A 28 -35.84 -4.64 -8.09
N PHE A 29 -35.76 -5.91 -7.69
CA PHE A 29 -36.95 -6.63 -7.28
C PHE A 29 -37.74 -5.80 -6.27
N ALA A 30 -37.05 -5.19 -5.31
CA ALA A 30 -37.73 -4.38 -4.31
C ALA A 30 -38.45 -3.20 -4.95
N ASN A 31 -37.80 -2.54 -5.92
CA ASN A 31 -38.32 -1.31 -6.51
C ASN A 31 -38.99 -1.57 -7.87
N THR A 32 -39.20 -2.84 -8.22
CA THR A 32 -39.97 -3.21 -9.40
C THR A 32 -41.28 -3.83 -8.92
N THR A 33 -42.39 -3.20 -9.26
CA THR A 33 -43.70 -3.59 -8.73
C THR A 33 -44.60 -4.06 -9.86
N ILE A 34 -45.78 -4.57 -9.47
CA ILE A 34 -46.76 -5.03 -10.46
C ILE A 34 -47.14 -3.88 -11.38
N ASP A 35 -47.40 -2.70 -10.81
CA ASP A 35 -47.61 -1.52 -11.62
C ASP A 35 -46.40 -1.26 -12.51
N ASP A 36 -45.19 -1.33 -11.94
CA ASP A 36 -43.98 -1.22 -12.74
C ASP A 36 -43.97 -2.25 -13.85
N ILE A 37 -44.46 -3.46 -13.57
CA ILE A 37 -44.55 -4.50 -14.57
C ILE A 37 -45.56 -4.15 -15.65
N ALA A 38 -46.67 -3.51 -15.26
CA ALA A 38 -47.75 -3.27 -16.20
C ALA A 38 -47.33 -2.35 -17.34
N GLU A 39 -46.51 -1.33 -17.05
CA GLU A 39 -46.24 -0.32 -18.07
C GLU A 39 -45.49 -0.89 -19.26
N GLN A 40 -44.59 -1.85 -19.04
CA GLN A 40 -43.86 -2.45 -20.15
C GLN A 40 -44.57 -3.65 -20.75
N VAL A 41 -45.62 -4.16 -20.09
CA VAL A 41 -46.34 -5.31 -20.62
C VAL A 41 -47.51 -4.90 -21.51
N GLY A 42 -48.07 -3.71 -21.29
CA GLY A 42 -49.25 -3.31 -22.03
C GLY A 42 -50.48 -4.14 -21.67
N ALA A 43 -50.68 -4.42 -20.39
CA ALA A 43 -51.84 -5.16 -19.91
C ALA A 43 -52.50 -4.35 -18.79
N THR A 44 -53.70 -4.77 -18.42
CA THR A 44 -54.47 -4.02 -17.44
C THR A 44 -53.85 -4.18 -16.06
N LYS A 45 -54.19 -3.23 -15.17
CA LYS A 45 -53.57 -3.19 -13.85
C LYS A 45 -53.84 -4.47 -13.07
N GLY A 46 -55.10 -4.89 -13.00
CA GLY A 46 -55.48 -6.10 -12.33
C GLY A 46 -55.44 -7.34 -13.17
N LEU A 47 -55.15 -7.19 -14.46
CA LEU A 47 -55.02 -8.35 -15.34
C LEU A 47 -53.96 -9.30 -14.81
N ILE A 48 -52.80 -8.76 -14.44
CA ILE A 48 -51.71 -9.58 -13.94
C ILE A 48 -52.19 -10.43 -12.78
N TYR A 49 -52.95 -9.80 -11.87
CA TYR A 49 -53.40 -10.45 -10.65
C TYR A 49 -54.35 -11.62 -10.94
N TYR A 50 -54.92 -11.69 -12.14
CA TYR A 50 -55.92 -12.70 -12.43
C TYR A 50 -55.34 -14.10 -12.34
N HIS A 51 -54.13 -14.31 -12.86
CA HIS A 51 -53.51 -15.63 -12.85
C HIS A 51 -52.42 -15.78 -11.80
N PHE A 52 -51.86 -14.68 -11.31
CA PHE A 52 -50.76 -14.73 -10.36
C PHE A 52 -51.20 -14.13 -9.03
N ARG A 53 -50.93 -14.86 -7.94
CA ARG A 53 -51.36 -14.45 -6.61
C ARG A 53 -50.79 -13.08 -6.24
N SER A 54 -49.48 -12.93 -6.36
CA SER A 54 -48.80 -11.71 -5.95
C SER A 54 -47.46 -11.61 -6.66
N LYS A 55 -46.86 -10.42 -6.57
CA LYS A 55 -45.55 -10.16 -7.18
C LYS A 55 -44.62 -11.35 -7.03
N PHE A 56 -44.44 -11.80 -5.79
CA PHE A 56 -43.60 -12.95 -5.50
C PHE A 56 -43.96 -14.14 -6.40
N ASP A 57 -45.23 -14.55 -6.38
CA ASP A 57 -45.63 -15.78 -7.05
C ASP A 57 -45.37 -15.74 -8.56
N ILE A 58 -45.28 -14.56 -9.16
CA ILE A 58 -44.72 -14.47 -10.50
C ILE A 58 -43.27 -14.93 -10.49
N PHE A 59 -42.51 -14.49 -9.50
CA PHE A 59 -41.12 -14.91 -9.36
C PHE A 59 -41.03 -16.43 -9.39
N LEU A 60 -41.89 -17.12 -8.63
CA LEU A 60 -41.93 -18.58 -8.70
C LEU A 60 -42.11 -19.05 -10.14
N ALA A 61 -43.11 -18.51 -10.83
CA ALA A 61 -43.33 -18.92 -12.22
C ALA A 61 -42.11 -18.63 -13.08
N VAL A 62 -41.63 -17.38 -13.05
CA VAL A 62 -40.50 -17.00 -13.91
C VAL A 62 -39.27 -17.79 -13.54
N TYR A 63 -38.98 -17.92 -12.25
CA TYR A 63 -37.88 -18.76 -11.80
C TYR A 63 -38.05 -20.18 -12.34
N GLU A 64 -39.21 -20.78 -12.07
CA GLU A 64 -39.42 -22.15 -12.49
C GLU A 64 -39.36 -22.28 -14.01
N ASP A 65 -40.00 -21.35 -14.74
CA ASP A 65 -40.08 -21.48 -16.18
C ASP A 65 -38.69 -21.40 -16.82
N GLY A 66 -37.94 -20.35 -16.50
CA GLY A 66 -36.59 -20.23 -17.03
C GLY A 66 -35.58 -21.15 -16.40
N MET A 67 -35.95 -21.78 -15.29
CA MET A 67 -35.06 -22.74 -14.63
C MET A 67 -35.05 -24.07 -15.36
N ARG A 68 -36.24 -24.65 -15.55
CA ARG A 68 -36.34 -25.89 -16.29
C ARG A 68 -35.95 -25.73 -17.77
N ARG A 69 -36.05 -24.51 -18.31
CA ARG A 69 -35.60 -24.27 -19.69
C ARG A 69 -34.12 -24.58 -19.85
N VAL A 70 -33.28 -24.00 -18.99
CA VAL A 70 -31.84 -24.22 -19.09
C VAL A 70 -31.52 -25.70 -18.93
N ARG A 71 -32.22 -26.38 -18.02
CA ARG A 71 -31.95 -27.80 -17.79
C ARG A 71 -32.20 -28.61 -19.04
N GLU A 72 -33.29 -28.32 -19.75
CA GLU A 72 -33.56 -29.00 -21.01
C GLU A 72 -32.46 -28.73 -22.03
N ARG A 73 -31.96 -27.49 -22.05
CA ARG A 73 -30.92 -27.12 -23.01
C ARG A 73 -29.64 -27.88 -22.78
N VAL A 74 -29.25 -28.05 -21.52
CA VAL A 74 -27.90 -28.53 -21.20
C VAL A 74 -27.86 -30.04 -20.95
N GLU A 75 -28.97 -30.64 -20.54
CA GLU A 75 -28.96 -32.07 -20.25
C GLU A 75 -28.48 -32.91 -21.42
N PRO A 76 -28.95 -32.71 -22.65
CA PRO A 76 -28.49 -33.54 -23.77
C PRO A 76 -26.98 -33.56 -23.88
N HIS A 77 -26.35 -32.54 -23.31
CA HIS A 77 -24.91 -32.35 -23.38
C HIS A 77 -24.18 -32.99 -22.21
N ALA A 78 -24.90 -33.68 -21.33
CA ALA A 78 -24.30 -34.48 -20.28
C ALA A 78 -24.31 -35.97 -20.60
N GLY A 79 -25.12 -36.38 -21.57
CA GLY A 79 -25.26 -37.78 -21.90
C GLY A 79 -24.47 -38.23 -23.12
N GLY A 80 -23.49 -37.44 -23.52
CA GLY A 80 -22.66 -37.82 -24.64
C GLY A 80 -21.66 -38.92 -24.28
N ALA A 81 -21.15 -39.56 -25.32
CA ALA A 81 -20.14 -40.62 -25.15
C ALA A 81 -18.73 -40.05 -25.26
N GLY A 82 -18.43 -39.03 -24.46
CA GLY A 82 -17.13 -38.39 -24.52
C GLY A 82 -16.48 -38.25 -23.16
N THR A 83 -15.43 -37.45 -23.08
CA THR A 83 -14.69 -37.24 -21.84
C THR A 83 -15.32 -36.15 -21.00
N GLY A 84 -14.83 -36.04 -19.76
CA GLY A 84 -15.31 -35.01 -18.86
C GLY A 84 -15.04 -33.61 -19.39
N ARG A 85 -13.83 -33.38 -19.89
CA ARG A 85 -13.47 -32.04 -20.34
C ARG A 85 -14.41 -31.58 -21.44
N GLU A 86 -14.58 -32.40 -22.48
CA GLU A 86 -15.28 -31.95 -23.67
C GLU A 86 -16.79 -31.90 -23.50
N ARG A 87 -17.37 -32.81 -22.70
CA ARG A 87 -18.79 -32.72 -22.45
C ARG A 87 -19.12 -31.60 -21.47
N LEU A 88 -18.30 -31.42 -20.45
CA LEU A 88 -18.53 -30.33 -19.50
C LEU A 88 -18.49 -28.98 -20.20
N VAL A 89 -17.50 -28.77 -21.08
CA VAL A 89 -17.47 -27.55 -21.88
C VAL A 89 -18.71 -27.49 -22.77
N ALA A 90 -19.14 -28.63 -23.30
CA ALA A 90 -20.36 -28.66 -24.09
C ALA A 90 -21.54 -28.15 -23.29
N MET A 91 -21.73 -28.67 -22.07
CA MET A 91 -22.83 -28.21 -21.24
C MET A 91 -22.68 -26.75 -20.87
N SER A 92 -21.45 -26.34 -20.52
CA SER A 92 -21.24 -24.95 -20.12
C SER A 92 -21.49 -23.99 -21.27
N VAL A 93 -21.25 -24.41 -22.50
CA VAL A 93 -21.58 -23.56 -23.66
C VAL A 93 -23.08 -23.34 -23.72
N ALA A 94 -23.87 -24.40 -23.55
CA ALA A 94 -25.32 -24.24 -23.51
C ALA A 94 -25.74 -23.40 -22.33
N HIS A 95 -25.04 -23.50 -21.20
CA HIS A 95 -25.28 -22.62 -20.07
C HIS A 95 -25.16 -21.17 -20.49
N LEU A 96 -24.06 -20.82 -21.18
CA LEU A 96 -23.81 -19.43 -21.53
C LEU A 96 -24.77 -18.93 -22.58
N GLU A 97 -25.08 -19.75 -23.58
CA GLU A 97 -26.06 -19.35 -24.58
C GLU A 97 -27.43 -19.13 -23.93
N ASN A 98 -27.82 -20.00 -23.01
CA ASN A 98 -29.00 -19.73 -22.21
C ASN A 98 -28.86 -18.39 -21.50
N LEU A 99 -27.74 -18.19 -20.81
CA LEU A 99 -27.54 -16.96 -20.05
C LEU A 99 -27.60 -15.74 -20.96
N MET A 100 -26.90 -15.79 -22.09
CA MET A 100 -26.81 -14.62 -22.95
C MET A 100 -28.11 -14.33 -23.68
N THR A 101 -28.92 -15.36 -23.96
CA THR A 101 -30.20 -15.15 -24.61
C THR A 101 -31.38 -15.10 -23.64
N GLU A 102 -31.22 -15.60 -22.42
CA GLU A 102 -32.28 -15.64 -21.41
C GLU A 102 -31.85 -14.88 -20.17
N LEU A 103 -31.17 -13.75 -20.37
CA LEU A 103 -30.42 -13.13 -19.28
C LEU A 103 -31.36 -12.74 -18.14
N GLY A 104 -32.55 -12.25 -18.46
CA GLY A 104 -33.53 -11.92 -17.44
C GLY A 104 -33.92 -13.10 -16.59
N TYR A 105 -34.37 -14.19 -17.22
CA TYR A 105 -34.70 -15.41 -16.48
C TYR A 105 -33.49 -15.97 -15.76
N HIS A 106 -32.33 -15.99 -16.45
CA HIS A 106 -31.19 -16.73 -15.92
C HIS A 106 -30.62 -16.07 -14.66
N HIS A 107 -30.56 -14.74 -14.64
CA HIS A 107 -30.12 -14.07 -13.42
C HIS A 107 -31.11 -14.27 -12.29
N VAL A 108 -32.41 -14.33 -12.62
CA VAL A 108 -33.45 -14.45 -11.60
C VAL A 108 -33.56 -15.86 -11.03
N VAL A 109 -32.82 -16.82 -11.59
CA VAL A 109 -32.82 -18.15 -11.02
C VAL A 109 -32.00 -18.20 -9.74
N HIS A 110 -31.17 -17.20 -9.49
CA HIS A 110 -30.43 -17.06 -8.24
C HIS A 110 -30.49 -15.60 -7.77
N GLN A 111 -31.70 -15.03 -7.74
CA GLN A 111 -31.88 -13.61 -7.48
C GLN A 111 -32.69 -13.31 -6.23
N GLY A 112 -33.29 -14.32 -5.60
CA GLY A 112 -34.16 -14.12 -4.46
C GLY A 112 -33.70 -13.08 -3.44
N SER A 118 -36.49 -11.47 3.26
CA SER A 118 -36.63 -10.14 3.84
C SER A 118 -38.09 -9.69 3.83
N THR A 119 -38.86 -10.23 2.89
CA THR A 119 -40.24 -9.85 2.70
C THR A 119 -41.17 -10.75 3.52
N ALA A 120 -42.43 -10.33 3.64
CA ALA A 120 -43.46 -11.10 4.33
C ALA A 120 -43.92 -12.21 3.39
N LEU A 121 -43.27 -13.36 3.50
CA LEU A 121 -43.52 -14.49 2.64
C LEU A 121 -44.33 -15.57 3.35
N LYS A 122 -45.20 -16.24 2.59
CA LYS A 122 -46.03 -17.32 3.08
C LYS A 122 -45.29 -18.64 2.97
N ILE A 123 -45.76 -19.63 3.75
CA ILE A 123 -45.12 -20.95 3.73
C ILE A 123 -45.32 -21.62 2.38
N ARG A 124 -46.51 -21.49 1.79
CA ARG A 124 -46.79 -22.18 0.53
C ARG A 124 -45.92 -21.64 -0.59
N GLN A 125 -45.87 -20.31 -0.75
CA GLN A 125 -45.00 -19.73 -1.77
C GLN A 125 -43.54 -20.05 -1.51
N ARG A 126 -43.18 -20.37 -0.27
CA ARG A 126 -41.81 -20.80 0.04
C ARG A 126 -41.61 -22.29 -0.18
N ASP A 127 -42.65 -23.11 0.03
CA ASP A 127 -42.55 -24.53 -0.28
C ASP A 127 -42.16 -24.74 -1.73
N ALA A 128 -42.83 -24.01 -2.64
CA ALA A 128 -42.43 -24.05 -4.04
C ALA A 128 -41.01 -23.55 -4.22
N LEU A 129 -40.64 -22.50 -3.49
CA LEU A 129 -39.27 -22.01 -3.53
C LEU A 129 -38.29 -23.11 -3.15
N ALA A 130 -38.63 -23.92 -2.15
CA ALA A 130 -37.82 -25.09 -1.84
C ALA A 130 -37.77 -26.05 -3.02
N ALA A 131 -38.91 -26.30 -3.65
CA ALA A 131 -38.93 -27.13 -4.85
C ALA A 131 -38.03 -26.55 -5.92
N LEU A 132 -38.14 -25.25 -6.16
CA LEU A 132 -37.24 -24.59 -7.11
C LEU A 132 -35.79 -24.78 -6.73
N ASN A 133 -35.46 -24.54 -5.45
CA ASN A 133 -34.07 -24.64 -5.03
C ASN A 133 -33.50 -26.02 -5.28
N GLU A 134 -34.33 -27.06 -5.18
CA GLU A 134 -33.87 -28.40 -5.53
C GLU A 134 -33.46 -28.49 -6.99
N LEU A 135 -34.25 -27.88 -7.88
CA LEU A 135 -33.88 -27.88 -9.29
C LEU A 135 -32.53 -27.21 -9.49
N ARG A 136 -32.30 -26.09 -8.81
CA ARG A 136 -31.02 -25.41 -8.91
C ARG A 136 -29.89 -26.28 -8.39
N ARG A 137 -30.12 -26.97 -7.26
CA ARG A 137 -29.09 -27.83 -6.68
C ARG A 137 -28.86 -29.10 -7.49
N ASP A 138 -29.73 -29.42 -8.44
CA ASP A 138 -29.58 -30.62 -9.26
C ASP A 138 -28.93 -30.34 -10.61
N TYR A 139 -29.30 -29.24 -11.26
CA TYR A 139 -28.58 -28.83 -12.46
C TYR A 139 -27.10 -28.66 -12.15
N GLU A 140 -26.79 -28.00 -11.03
CA GLU A 140 -25.40 -27.85 -10.62
C GLU A 140 -24.76 -29.20 -10.33
N LEU A 141 -25.50 -30.09 -9.66
CA LEU A 141 -25.00 -31.45 -9.43
C LEU A 141 -24.81 -32.20 -10.73
N MET A 142 -25.64 -31.93 -11.74
CA MET A 142 -25.38 -32.48 -13.07
C MET A 142 -24.05 -31.99 -13.61
N PHE A 143 -23.62 -30.80 -13.18
CA PHE A 143 -22.28 -30.33 -13.50
C PHE A 143 -21.22 -30.98 -12.62
N ARG A 144 -21.57 -31.29 -11.36
CA ARG A 144 -20.61 -31.94 -10.48
C ARG A 144 -20.27 -33.36 -10.95
N ARG A 145 -21.28 -34.11 -11.37
CA ARG A 145 -21.03 -35.49 -11.80
C ARG A 145 -20.11 -35.52 -13.01
N VAL A 146 -20.29 -34.58 -13.95
CA VAL A 146 -19.44 -34.54 -15.14
C VAL A 146 -17.99 -34.33 -14.75
N VAL A 147 -17.73 -33.40 -13.82
CA VAL A 147 -16.35 -33.19 -13.37
C VAL A 147 -15.84 -34.44 -12.67
N ALA A 148 -16.71 -35.17 -11.96
CA ALA A 148 -16.28 -36.37 -11.25
C ALA A 148 -15.63 -37.36 -12.21
N GLU A 149 -16.28 -37.64 -13.34
CA GLU A 149 -15.65 -38.43 -14.39
C GLU A 149 -14.44 -37.71 -14.96
N GLY A 150 -14.55 -36.40 -15.17
CA GLY A 150 -13.51 -35.66 -15.87
C GLY A 150 -12.15 -35.78 -15.24
N ILE A 151 -12.09 -35.78 -13.91
CA ILE A 151 -10.83 -36.05 -13.23
C ILE A 151 -10.61 -37.54 -13.01
N ALA A 152 -11.68 -38.34 -13.01
CA ALA A 152 -11.52 -39.79 -12.97
C ALA A 152 -10.99 -40.35 -14.28
N ASP A 153 -11.06 -39.60 -15.38
CA ASP A 153 -10.57 -40.04 -16.68
C ASP A 153 -9.25 -39.41 -17.07
N GLY A 154 -8.69 -38.54 -16.23
CA GLY A 154 -7.39 -37.97 -16.48
C GLY A 154 -7.34 -36.79 -17.43
N SER A 155 -8.48 -36.32 -17.92
CA SER A 155 -8.49 -35.14 -18.79
C SER A 155 -8.58 -33.84 -18.00
N LEU A 156 -8.82 -33.93 -16.69
CA LEU A 156 -8.91 -32.75 -15.84
C LEU A 156 -7.97 -32.91 -14.66
N ARG A 157 -7.43 -31.77 -14.21
CA ARG A 157 -6.58 -31.76 -13.04
C ARG A 157 -7.23 -32.51 -11.89
N VAL A 158 -6.41 -33.04 -10.99
CA VAL A 158 -6.92 -33.73 -9.79
C VAL A 158 -7.21 -32.64 -8.79
N VAL A 159 -8.36 -32.00 -8.94
CA VAL A 159 -8.75 -30.82 -8.19
C VAL A 159 -9.92 -31.17 -7.28
N ASP A 160 -10.06 -30.40 -6.20
CA ASP A 160 -11.16 -30.64 -5.27
C ASP A 160 -12.49 -30.57 -6.02
N GLU A 161 -13.35 -31.57 -5.80
CA GLU A 161 -14.52 -31.76 -6.65
C GLU A 161 -15.58 -30.69 -6.37
N ALA A 162 -15.96 -30.53 -5.11
CA ALA A 162 -17.04 -29.60 -4.79
C ALA A 162 -16.71 -28.18 -5.24
N LEU A 163 -15.46 -27.76 -5.04
CA LEU A 163 -15.08 -26.38 -5.35
C LEU A 163 -14.95 -26.15 -6.85
N ALA A 164 -14.42 -27.13 -7.59
CA ALA A 164 -14.20 -26.96 -9.01
C ALA A 164 -15.52 -26.83 -9.77
N THR A 165 -16.49 -27.68 -9.46
CA THR A 165 -17.83 -27.54 -10.03
C THR A 165 -18.47 -26.23 -9.59
N ARG A 166 -18.30 -25.88 -8.31
CA ARG A 166 -18.89 -24.65 -7.81
C ARG A 166 -18.30 -23.43 -8.52
N THR A 167 -16.97 -23.38 -8.63
CA THR A 167 -16.33 -22.21 -9.23
C THR A 167 -16.76 -22.04 -10.69
N LEU A 168 -16.68 -23.12 -11.47
CA LEU A 168 -17.08 -23.03 -12.87
C LEU A 168 -18.51 -22.51 -12.99
N LEU A 169 -19.42 -23.02 -12.16
CA LEU A 169 -20.83 -22.69 -12.29
C LEU A 169 -21.08 -21.21 -12.08
N SER A 170 -20.57 -20.65 -10.97
CA SER A 170 -20.68 -19.23 -10.74
C SER A 170 -19.88 -18.44 -11.78
N ASN A 171 -18.79 -19.02 -12.27
CA ASN A 171 -18.05 -18.40 -13.36
C ASN A 171 -18.96 -18.19 -14.57
N LEU A 172 -19.85 -19.15 -14.86
CA LEU A 172 -20.80 -18.95 -15.96
C LEU A 172 -21.88 -17.95 -15.59
N ASN A 173 -22.39 -18.01 -14.35
CA ASN A 173 -23.41 -17.08 -13.93
C ASN A 173 -22.90 -15.65 -13.83
N ALA A 174 -21.57 -15.47 -13.80
CA ALA A 174 -20.98 -14.15 -13.67
C ALA A 174 -20.84 -13.42 -15.00
N VAL A 175 -21.01 -14.11 -16.13
CA VAL A 175 -20.84 -13.49 -17.43
C VAL A 175 -22.05 -12.62 -17.73
N ASP A 176 -23.01 -12.56 -16.80
CA ASP A 176 -24.22 -11.77 -17.00
C ASP A 176 -23.97 -10.29 -16.69
N MET A 177 -23.19 -9.99 -15.66
CA MET A 177 -23.10 -8.63 -15.15
C MET A 177 -22.24 -7.72 -16.02
N TRP A 178 -21.38 -8.27 -16.87
CA TRP A 178 -20.77 -7.47 -17.92
C TRP A 178 -21.44 -7.67 -19.27
N TYR A 179 -22.46 -8.53 -19.33
CA TYR A 179 -23.16 -8.83 -20.57
C TYR A 179 -24.51 -8.13 -20.66
N ARG A 180 -25.11 -7.76 -19.54
CA ARG A 180 -26.39 -7.06 -19.57
C ARG A 180 -26.31 -5.76 -20.37
N ARG A 181 -25.11 -5.20 -20.54
CA ARG A 181 -24.90 -3.98 -21.32
C ARG A 181 -24.28 -4.25 -22.68
N ILE A 182 -24.36 -5.49 -23.17
CA ILE A 182 -23.68 -5.84 -24.41
C ILE A 182 -24.60 -6.64 -25.33
N GLU A 183 -25.72 -7.11 -24.78
CA GLU A 183 -26.58 -8.06 -25.49
C GLU A 183 -27.32 -7.42 -26.65
N GLY A 184 -26.71 -7.46 -27.84
CA GLY A 184 -27.38 -7.07 -29.06
C GLY A 184 -27.06 -7.98 -30.23
N GLN A 185 -26.07 -8.84 -30.05
CA GLN A 185 -25.49 -9.61 -31.14
C GLN A 185 -26.37 -10.79 -31.54
N THR A 186 -26.00 -11.41 -32.67
CA THR A 186 -26.69 -12.57 -33.21
C THR A 186 -26.25 -13.84 -32.50
N LEU A 187 -27.05 -14.90 -32.69
CA LEU A 187 -26.69 -16.20 -32.12
C LEU A 187 -25.40 -16.74 -32.71
N ASP A 188 -25.12 -16.43 -33.97
CA ASP A 188 -23.83 -16.78 -34.55
C ASP A 188 -22.70 -16.23 -33.68
N GLU A 189 -22.82 -14.98 -33.24
CA GLU A 189 -21.83 -14.39 -32.35
C GLU A 189 -21.83 -15.06 -30.98
N ILE A 190 -23.02 -15.24 -30.40
CA ILE A 190 -23.11 -15.73 -29.03
C ILE A 190 -22.55 -17.14 -28.93
N ASN A 191 -22.80 -17.98 -29.94
CA ASN A 191 -22.20 -19.31 -29.94
C ASN A 191 -20.69 -19.23 -30.10
N GLU A 192 -20.22 -18.31 -30.95
CA GLU A 192 -18.79 -18.10 -31.09
C GLU A 192 -18.17 -17.43 -29.86
N LEU A 193 -18.99 -16.81 -29.01
CA LEU A 193 -18.45 -16.14 -27.82
C LEU A 193 -18.41 -17.08 -26.62
N ALA A 194 -19.53 -17.74 -26.31
CA ALA A 194 -19.59 -18.59 -25.12
C ALA A 194 -18.49 -19.64 -25.13
N THR A 195 -18.01 -20.02 -26.33
CA THR A 195 -16.97 -21.03 -26.42
C THR A 195 -15.65 -20.52 -25.86
N ASN A 196 -15.22 -19.33 -26.29
CA ASN A 196 -14.01 -18.75 -25.72
C ASN A 196 -14.18 -18.48 -24.22
N VAL A 197 -15.35 -17.96 -23.83
CA VAL A 197 -15.65 -17.74 -22.43
C VAL A 197 -15.56 -19.04 -21.62
N VAL A 198 -15.53 -20.18 -22.29
CA VAL A 198 -15.41 -21.45 -21.60
C VAL A 198 -13.96 -21.90 -21.50
N ASP A 199 -13.17 -21.67 -22.55
CA ASP A 199 -11.83 -22.24 -22.61
C ASP A 199 -11.00 -21.84 -21.39
N LEU A 200 -10.74 -20.54 -21.23
CA LEU A 200 -10.00 -20.10 -20.06
C LEU A 200 -10.76 -20.31 -18.77
N LEU A 201 -12.02 -20.74 -18.85
CA LEU A 201 -12.79 -21.10 -17.66
C LEU A 201 -12.37 -22.45 -17.10
N ILE A 202 -12.09 -23.42 -17.97
CA ILE A 202 -11.77 -24.79 -17.57
C ILE A 202 -10.33 -25.14 -17.87
N THR A 203 -9.87 -24.82 -19.08
CA THR A 203 -8.49 -25.14 -19.45
C THR A 203 -7.50 -24.37 -18.59
N GLY A 204 -7.82 -23.11 -18.27
CA GLY A 204 -6.91 -22.30 -17.47
C GLY A 204 -5.85 -21.64 -18.33
N MET A 205 -4.59 -21.80 -17.93
CA MET A 205 -3.46 -21.16 -18.57
C MET A 205 -2.17 -21.71 -17.94
N ALA A 206 -1.04 -21.15 -18.36
CA ALA A 206 0.31 -21.45 -17.84
C ALA A 206 0.94 -22.73 -18.39
N ASN A 207 0.35 -23.35 -19.40
CA ASN A 207 0.97 -24.51 -20.04
C ASN A 207 1.18 -25.66 -19.05
N LEU B 8 -9.02 9.00 17.45
CA LEU B 8 -9.59 10.22 16.92
C LEU B 8 -11.11 10.09 16.75
N GLU B 9 -11.65 10.70 15.69
CA GLU B 9 -13.02 10.46 15.27
C GLU B 9 -13.12 9.58 14.04
N ILE B 10 -12.00 9.32 13.35
CA ILE B 10 -11.96 8.26 12.35
C ILE B 10 -12.42 6.95 12.99
N ASP B 11 -12.37 6.88 14.32
CA ASP B 11 -12.89 5.72 15.03
C ASP B 11 -14.40 5.60 14.85
N VAL B 12 -15.11 6.73 14.90
CA VAL B 12 -16.57 6.71 14.94
C VAL B 12 -17.20 6.73 13.56
N LYS B 13 -16.45 7.06 12.52
CA LYS B 13 -16.99 7.05 11.16
C LYS B 13 -16.88 5.66 10.56
N THR B 14 -15.72 5.02 10.69
CA THR B 14 -15.53 3.69 10.11
C THR B 14 -16.59 2.71 10.62
N ARG B 15 -16.97 2.85 11.89
CA ARG B 15 -18.04 2.00 12.40
C ARG B 15 -19.29 2.15 11.55
N ILE B 16 -19.58 3.36 11.10
CA ILE B 16 -20.74 3.60 10.23
C ILE B 16 -20.55 2.89 8.89
N LEU B 17 -19.38 3.05 8.28
CA LEU B 17 -19.16 2.49 6.95
C LEU B 17 -19.06 0.97 6.99
N ASP B 18 -18.46 0.40 8.04
CA ASP B 18 -18.52 -1.04 8.20
C ASP B 18 -19.96 -1.51 8.33
N ALA B 19 -20.74 -0.81 9.15
CA ALA B 19 -22.14 -1.19 9.36
C ALA B 19 -22.94 -1.11 8.07
N ALA B 20 -22.78 -0.01 7.32
CA ALA B 20 -23.48 0.11 6.04
C ALA B 20 -23.02 -0.95 5.05
N ALA B 21 -21.72 -1.19 4.99
CA ALA B 21 -21.21 -2.22 4.10
C ALA B 21 -21.88 -3.56 4.36
N ASP B 22 -22.07 -3.90 5.63
CA ASP B 22 -22.74 -5.14 6.00
C ASP B 22 -24.26 -5.01 6.03
N ALA B 23 -24.79 -3.80 5.88
CA ALA B 23 -26.24 -3.60 5.77
C ALA B 23 -26.69 -3.33 4.34
N PHE B 24 -25.80 -2.80 3.49
CA PHE B 24 -26.10 -2.67 2.07
C PHE B 24 -26.15 -4.02 1.37
N MET B 25 -25.77 -5.09 2.03
CA MET B 25 -25.65 -6.41 1.42
C MET B 25 -26.95 -7.21 1.56
N VAL B 26 -27.40 -7.43 2.79
CA VAL B 26 -28.58 -8.26 3.01
C VAL B 26 -29.83 -7.55 2.49
N HIS B 27 -29.95 -6.25 2.74
CA HIS B 27 -31.11 -5.50 2.27
C HIS B 27 -30.89 -4.91 0.89
N GLY B 28 -29.78 -4.21 0.69
CA GLY B 28 -29.54 -3.41 -0.49
C GLY B 28 -29.77 -1.93 -0.24
N PHE B 29 -29.20 -1.10 -1.12
CA PHE B 29 -29.28 0.34 -0.90
C PHE B 29 -30.71 0.82 -0.87
N ALA B 30 -31.45 0.61 -1.97
CA ALA B 30 -32.79 1.16 -2.08
C ALA B 30 -33.70 0.66 -0.96
N ASN B 31 -33.38 -0.49 -0.37
CA ASN B 31 -34.20 -1.09 0.69
C ASN B 31 -33.61 -0.86 2.08
N THR B 32 -32.62 0.02 2.22
CA THR B 32 -32.02 0.35 3.50
C THR B 32 -32.09 1.85 3.74
N THR B 33 -32.42 2.22 4.97
CA THR B 33 -32.53 3.61 5.38
C THR B 33 -31.48 3.93 6.43
N ILE B 34 -31.32 5.23 6.71
CA ILE B 34 -30.30 5.67 7.65
C ILE B 34 -30.49 4.96 8.99
N ASP B 35 -31.74 4.88 9.45
CA ASP B 35 -32.02 4.29 10.76
C ASP B 35 -31.47 2.88 10.86
N ASP B 36 -31.70 2.05 9.84
CA ASP B 36 -31.19 0.69 9.84
C ASP B 36 -29.71 0.67 10.25
N ILE B 37 -28.94 1.61 9.69
CA ILE B 37 -27.56 1.78 10.14
C ILE B 37 -27.52 2.19 11.59
N ALA B 38 -28.37 3.15 11.97
CA ALA B 38 -28.40 3.60 13.36
C ALA B 38 -28.71 2.46 14.32
N GLU B 39 -29.54 1.51 13.89
CA GLU B 39 -29.87 0.38 14.75
C GLU B 39 -28.75 -0.64 14.78
N GLN B 40 -28.16 -0.95 13.63
CA GLN B 40 -27.07 -1.91 13.60
C GLN B 40 -25.85 -1.40 14.37
N VAL B 41 -25.66 -0.08 14.42
CA VAL B 41 -24.50 0.49 15.11
C VAL B 41 -24.79 0.85 16.56
N GLY B 42 -26.06 0.92 16.96
CA GLY B 42 -26.40 1.41 18.27
C GLY B 42 -25.90 2.84 18.45
N ALA B 43 -26.44 3.76 17.66
CA ALA B 43 -26.05 5.16 17.72
C ALA B 43 -27.22 5.99 17.22
N THR B 44 -27.23 7.26 17.61
CA THR B 44 -28.31 8.15 17.23
C THR B 44 -28.31 8.36 15.71
N LYS B 45 -29.43 8.87 15.21
CA LYS B 45 -29.54 9.24 13.80
C LYS B 45 -29.05 10.65 13.53
N GLY B 46 -28.82 11.45 14.57
CA GLY B 46 -28.29 12.79 14.38
C GLY B 46 -26.83 12.79 13.97
N LEU B 47 -25.97 12.16 14.78
CA LEU B 47 -24.55 12.18 14.47
C LEU B 47 -24.25 11.48 13.15
N ILE B 48 -25.08 10.51 12.77
CA ILE B 48 -24.90 9.86 11.48
C ILE B 48 -24.98 10.90 10.36
N TYR B 49 -26.02 11.73 10.39
CA TYR B 49 -26.13 12.82 9.43
C TYR B 49 -25.09 13.90 9.67
N TYR B 50 -24.50 13.94 10.87
CA TYR B 50 -23.44 14.91 11.14
C TYR B 50 -22.18 14.59 10.36
N HIS B 51 -21.86 13.29 10.22
CA HIS B 51 -20.66 12.87 9.52
C HIS B 51 -20.88 12.69 8.03
N PHE B 52 -22.11 12.45 7.59
CA PHE B 52 -22.42 12.27 6.18
C PHE B 52 -23.69 13.05 5.86
N ARG B 53 -23.61 13.93 4.87
CA ARG B 53 -24.73 14.80 4.55
C ARG B 53 -25.86 14.10 3.81
N SER B 54 -25.68 12.86 3.35
CA SER B 54 -26.73 12.22 2.57
C SER B 54 -26.74 10.72 2.82
N LYS B 55 -27.92 10.12 2.63
CA LYS B 55 -28.06 8.67 2.64
C LYS B 55 -27.21 8.02 1.57
N PHE B 56 -26.87 8.76 0.53
CA PHE B 56 -26.05 8.31 -0.57
C PHE B 56 -24.57 8.58 -0.32
N ASP B 57 -24.25 9.77 0.20
CA ASP B 57 -22.86 10.12 0.49
C ASP B 57 -22.19 9.03 1.31
N ILE B 58 -22.92 8.47 2.27
CA ILE B 58 -22.38 7.37 3.06
C ILE B 58 -21.94 6.23 2.16
N PHE B 59 -22.77 5.89 1.17
CA PHE B 59 -22.45 4.79 0.27
C PHE B 59 -21.17 5.07 -0.52
N LEU B 60 -20.99 6.29 -1.00
CA LEU B 60 -19.77 6.62 -1.74
C LEU B 60 -18.54 6.40 -0.89
N ALA B 61 -18.62 6.67 0.42
CA ALA B 61 -17.47 6.49 1.29
C ALA B 61 -17.13 5.01 1.47
N VAL B 62 -18.14 4.16 1.66
CA VAL B 62 -17.88 2.72 1.75
C VAL B 62 -17.34 2.20 0.41
N TYR B 63 -17.85 2.76 -0.68
CA TYR B 63 -17.24 2.56 -1.99
C TYR B 63 -15.77 2.96 -1.96
N GLU B 64 -15.50 4.23 -1.68
CA GLU B 64 -14.15 4.75 -1.59
C GLU B 64 -13.22 3.83 -0.80
N ASP B 65 -13.61 3.46 0.41
CA ASP B 65 -12.78 2.60 1.24
C ASP B 65 -12.63 1.22 0.62
N GLY B 66 -13.69 0.71 -0.01
CA GLY B 66 -13.64 -0.64 -0.56
C GLY B 66 -12.54 -0.79 -1.59
N MET B 67 -12.45 0.14 -2.55
CA MET B 67 -11.35 0.13 -3.50
C MET B 67 -10.02 0.38 -2.79
N ARG B 68 -9.92 1.52 -2.09
CA ARG B 68 -8.71 1.86 -1.35
C ARG B 68 -8.17 0.66 -0.60
N ARG B 69 -9.03 -0.02 0.17
CA ARG B 69 -8.59 -1.16 0.95
C ARG B 69 -8.03 -2.26 0.04
N VAL B 70 -8.80 -2.65 -0.98
CA VAL B 70 -8.28 -3.55 -2.01
C VAL B 70 -7.19 -2.85 -2.82
N ARG B 71 -7.35 -1.55 -3.08
CA ARG B 71 -6.41 -0.82 -3.91
C ARG B 71 -4.99 -1.01 -3.41
N GLU B 72 -4.79 -0.91 -2.09
CA GLU B 72 -3.47 -1.15 -1.52
C GLU B 72 -3.13 -2.63 -1.49
N ARG B 73 -4.07 -3.47 -1.06
CA ARG B 73 -3.73 -4.85 -0.72
C ARG B 73 -3.18 -5.62 -1.91
N VAL B 74 -3.80 -5.48 -3.08
CA VAL B 74 -3.45 -6.34 -4.21
C VAL B 74 -2.36 -5.71 -5.09
N GLU B 75 -2.24 -4.39 -5.08
CA GLU B 75 -1.23 -3.73 -5.91
C GLU B 75 0.19 -4.23 -5.64
N PRO B 76 0.63 -4.46 -4.40
CA PRO B 76 2.05 -4.74 -4.18
C PRO B 76 2.57 -5.98 -4.90
N HIS B 77 1.69 -6.89 -5.30
CA HIS B 77 2.12 -8.04 -6.10
C HIS B 77 2.33 -7.70 -7.57
N ALA B 78 2.44 -6.42 -7.91
CA ALA B 78 2.73 -5.99 -9.27
C ALA B 78 4.13 -6.40 -9.72
N GLY B 79 4.91 -7.07 -8.88
CA GLY B 79 6.20 -7.61 -9.25
C GLY B 79 6.59 -8.77 -8.36
N GLY B 80 6.95 -9.90 -8.95
CA GLY B 80 7.20 -11.10 -8.18
C GLY B 80 8.43 -11.89 -8.57
N ALA B 81 8.42 -13.19 -8.32
CA ALA B 81 9.57 -14.06 -8.55
C ALA B 81 9.49 -14.79 -9.88
N GLY B 82 8.31 -15.18 -10.32
CA GLY B 82 8.12 -15.88 -11.57
C GLY B 82 7.78 -14.97 -12.72
N THR B 83 7.21 -15.56 -13.76
CA THR B 83 6.71 -14.81 -14.91
C THR B 83 5.34 -14.23 -14.57
N GLY B 84 4.62 -13.75 -15.59
CA GLY B 84 3.29 -13.22 -15.35
C GLY B 84 2.38 -14.19 -14.62
N ARG B 85 2.43 -15.47 -15.00
CA ARG B 85 1.63 -16.49 -14.32
C ARG B 85 1.84 -16.44 -12.81
N GLU B 86 3.09 -16.43 -12.37
CA GLU B 86 3.40 -16.43 -10.95
C GLU B 86 3.08 -15.09 -10.30
N ARG B 87 3.08 -14.00 -11.08
CA ARG B 87 2.70 -12.70 -10.53
C ARG B 87 1.20 -12.63 -10.25
N LEU B 88 0.39 -13.13 -11.20
CA LEU B 88 -1.05 -12.99 -11.10
C LEU B 88 -1.64 -13.84 -9.98
N VAL B 89 -1.05 -15.00 -9.72
CA VAL B 89 -1.62 -15.91 -8.71
C VAL B 89 -1.68 -15.25 -7.35
N ALA B 90 -0.54 -14.70 -6.89
CA ALA B 90 -0.48 -14.12 -5.55
C ALA B 90 -1.42 -12.93 -5.42
N MET B 91 -1.37 -12.01 -6.37
CA MET B 91 -2.25 -10.84 -6.31
C MET B 91 -3.71 -11.25 -6.30
N SER B 92 -4.08 -12.23 -7.13
CA SER B 92 -5.44 -12.74 -7.11
C SER B 92 -5.77 -13.33 -5.74
N VAL B 93 -4.83 -14.10 -5.17
CA VAL B 93 -5.07 -14.66 -3.85
C VAL B 93 -5.36 -13.56 -2.84
N ALA B 94 -4.64 -12.45 -2.93
CA ALA B 94 -4.92 -11.31 -2.05
C ALA B 94 -6.34 -10.79 -2.26
N HIS B 95 -6.69 -10.50 -3.51
CA HIS B 95 -8.02 -10.02 -3.87
C HIS B 95 -9.10 -10.87 -3.22
N LEU B 96 -8.86 -12.19 -3.17
CA LEU B 96 -9.84 -13.10 -2.58
C LEU B 96 -9.87 -12.97 -1.07
N GLU B 97 -8.75 -13.28 -0.39
CA GLU B 97 -8.71 -13.19 1.06
C GLU B 97 -9.18 -11.82 1.53
N ASN B 98 -8.74 -10.77 0.84
CA ASN B 98 -9.29 -9.43 1.03
C ASN B 98 -10.81 -9.50 1.08
N LEU B 99 -11.42 -9.95 -0.01
CA LEU B 99 -12.88 -9.94 -0.13
C LEU B 99 -13.55 -10.91 0.84
N MET B 100 -12.79 -11.82 1.45
CA MET B 100 -13.38 -12.71 2.43
C MET B 100 -13.49 -12.08 3.81
N THR B 101 -12.68 -11.05 4.10
CA THR B 101 -12.79 -10.28 5.32
C THR B 101 -13.25 -8.85 5.08
N GLU B 102 -12.96 -8.29 3.90
CA GLU B 102 -13.49 -7.01 3.46
C GLU B 102 -14.87 -7.16 2.80
N LEU B 103 -15.53 -8.29 3.04
CA LEU B 103 -16.71 -8.65 2.25
C LEU B 103 -17.71 -7.50 2.17
N GLY B 104 -18.03 -6.88 3.32
CA GLY B 104 -19.04 -5.85 3.33
C GLY B 104 -18.74 -4.73 2.35
N TYR B 105 -17.49 -4.25 2.36
CA TYR B 105 -17.11 -3.15 1.47
C TYR B 105 -17.05 -3.55 0.01
N HIS B 106 -16.93 -4.83 -0.29
CA HIS B 106 -16.76 -5.23 -1.68
C HIS B 106 -18.09 -5.48 -2.39
N HIS B 107 -19.10 -5.98 -1.69
CA HIS B 107 -20.43 -6.03 -2.28
C HIS B 107 -20.94 -4.64 -2.64
N VAL B 108 -20.47 -3.62 -1.92
CA VAL B 108 -21.02 -2.28 -2.04
C VAL B 108 -20.13 -1.46 -2.95
N VAL B 109 -19.29 -2.13 -3.74
CA VAL B 109 -18.54 -1.46 -4.81
C VAL B 109 -19.06 -1.84 -6.18
N HIS B 110 -19.69 -2.99 -6.34
CA HIS B 110 -20.30 -3.39 -7.60
C HIS B 110 -21.83 -3.27 -7.59
N GLN B 111 -22.42 -2.90 -6.45
CA GLN B 111 -23.87 -2.76 -6.37
C GLN B 111 -24.39 -1.72 -7.38
N GLY B 112 -23.66 -0.62 -7.54
CA GLY B 112 -24.15 0.51 -8.32
C GLY B 112 -24.83 0.16 -9.63
N VAL B 113 -24.50 -1.00 -10.20
CA VAL B 113 -25.12 -1.41 -11.44
C VAL B 113 -26.63 -1.50 -11.31
N ARG B 114 -27.13 -1.83 -10.11
CA ARG B 114 -28.57 -1.92 -9.90
C ARG B 114 -29.22 -0.54 -9.83
N TYR B 115 -28.46 0.50 -9.50
CA TYR B 115 -28.98 1.86 -9.43
C TYR B 115 -28.63 2.69 -10.65
N GLN B 116 -28.05 2.08 -11.68
CA GLN B 116 -27.57 2.83 -12.84
C GLN B 116 -28.71 3.51 -13.59
N ALA B 117 -29.75 2.73 -13.95
CA ALA B 117 -30.78 3.25 -14.84
C ALA B 117 -31.55 4.40 -14.19
N SER B 118 -32.05 4.20 -12.97
CA SER B 118 -32.81 5.25 -12.30
C SER B 118 -31.97 6.51 -12.14
N THR B 119 -30.78 6.36 -11.56
CA THR B 119 -29.80 7.43 -11.42
C THR B 119 -30.46 8.76 -11.04
N ALA B 120 -31.35 8.69 -10.05
CA ALA B 120 -31.92 9.89 -9.45
C ALA B 120 -30.93 10.36 -8.38
N LEU B 121 -30.15 11.40 -8.71
CA LEU B 121 -28.99 11.75 -7.92
C LEU B 121 -28.78 13.25 -7.94
N LYS B 122 -27.93 13.72 -7.01
CA LYS B 122 -27.47 15.10 -7.01
C LYS B 122 -26.40 15.29 -8.08
N ILE B 123 -26.08 16.55 -8.36
CA ILE B 123 -25.11 16.84 -9.42
C ILE B 123 -23.67 16.82 -8.91
N ARG B 124 -23.45 16.97 -7.61
CA ARG B 124 -22.11 16.75 -7.07
C ARG B 124 -21.80 15.26 -6.90
N GLN B 125 -22.84 14.45 -6.64
CA GLN B 125 -22.64 13.01 -6.54
C GLN B 125 -22.39 12.38 -7.91
N ARG B 126 -22.93 12.97 -8.97
CA ARG B 126 -22.65 12.47 -10.31
C ARG B 126 -21.16 12.56 -10.63
N ASP B 127 -20.54 13.68 -10.30
CA ASP B 127 -19.10 13.83 -10.54
C ASP B 127 -18.30 12.90 -9.65
N ALA B 128 -18.63 12.83 -8.36
CA ALA B 128 -17.86 12.02 -7.43
C ALA B 128 -17.94 10.54 -7.81
N LEU B 129 -19.16 10.04 -8.04
CA LEU B 129 -19.32 8.62 -8.34
C LEU B 129 -18.59 8.25 -9.62
N ALA B 130 -18.71 9.08 -10.65
CA ALA B 130 -17.97 8.83 -11.89
C ALA B 130 -16.48 8.85 -11.62
N ALA B 131 -16.01 9.78 -10.79
CA ALA B 131 -14.60 9.81 -10.42
C ALA B 131 -14.15 8.47 -9.85
N LEU B 132 -15.03 7.78 -9.13
CA LEU B 132 -14.72 6.41 -8.72
C LEU B 132 -14.95 5.40 -9.82
N ASN B 133 -15.77 5.73 -10.82
CA ASN B 133 -15.98 4.81 -11.92
C ASN B 133 -14.73 4.70 -12.80
N GLU B 134 -14.18 5.85 -13.22
CA GLU B 134 -12.93 5.81 -13.97
C GLU B 134 -11.80 5.23 -13.13
N LEU B 135 -11.91 5.35 -11.80
CA LEU B 135 -10.95 4.66 -10.92
C LEU B 135 -11.20 3.16 -10.92
N ARG B 136 -12.44 2.73 -11.18
CA ARG B 136 -12.70 1.32 -11.42
C ARG B 136 -11.78 0.78 -12.51
N ARG B 137 -11.71 1.49 -13.65
CA ARG B 137 -10.90 1.02 -14.76
C ARG B 137 -9.46 0.78 -14.33
N ASP B 138 -8.95 1.57 -13.38
CA ASP B 138 -7.56 1.42 -12.96
C ASP B 138 -7.28 0.01 -12.46
N TYR B 139 -8.13 -0.50 -11.57
CA TYR B 139 -7.84 -1.77 -10.92
C TYR B 139 -7.80 -2.92 -11.92
N GLU B 140 -8.75 -2.95 -12.86
CA GLU B 140 -8.77 -4.05 -13.83
C GLU B 140 -7.58 -3.97 -14.78
N LEU B 141 -7.17 -2.75 -15.14
CA LEU B 141 -5.96 -2.60 -15.95
C LEU B 141 -4.74 -3.16 -15.24
N MET B 142 -4.62 -2.89 -13.94
CA MET B 142 -3.56 -3.50 -13.16
C MET B 142 -3.55 -5.02 -13.32
N PHE B 143 -4.73 -5.64 -13.32
CA PHE B 143 -4.80 -7.08 -13.48
C PHE B 143 -4.53 -7.51 -14.92
N ARG B 144 -4.87 -6.67 -15.90
CA ARG B 144 -4.54 -6.97 -17.28
C ARG B 144 -3.04 -6.93 -17.52
N ARG B 145 -2.34 -6.00 -16.86
CA ARG B 145 -0.92 -5.79 -17.15
C ARG B 145 -0.10 -7.03 -16.77
N VAL B 146 -0.28 -7.53 -15.55
CA VAL B 146 0.45 -8.71 -15.10
C VAL B 146 0.20 -9.92 -15.99
N VAL B 147 -0.75 -9.83 -16.92
CA VAL B 147 -1.03 -10.95 -17.81
C VAL B 147 0.01 -11.03 -18.92
N ALA B 148 0.16 -9.94 -19.69
CA ALA B 148 1.08 -9.95 -20.83
C ALA B 148 2.53 -10.20 -20.41
N GLU B 149 2.87 -9.98 -19.14
CA GLU B 149 4.23 -10.25 -18.69
C GLU B 149 4.57 -11.74 -18.77
N GLY B 150 3.60 -12.60 -18.52
CA GLY B 150 3.80 -14.04 -18.66
C GLY B 150 3.53 -14.54 -20.05
N ILE B 151 2.64 -13.87 -20.78
CA ILE B 151 2.38 -14.26 -22.16
C ILE B 151 3.61 -14.08 -23.02
N ALA B 152 4.33 -12.96 -22.83
CA ALA B 152 5.57 -12.75 -23.57
C ALA B 152 6.62 -13.80 -23.19
N ASP B 153 6.64 -14.20 -21.93
CA ASP B 153 7.61 -15.18 -21.45
C ASP B 153 7.27 -16.62 -21.86
N GLY B 154 6.05 -16.87 -22.36
CA GLY B 154 5.64 -18.21 -22.75
C GLY B 154 5.21 -19.10 -21.62
N SER B 155 5.67 -18.84 -20.39
CA SER B 155 5.21 -19.60 -19.23
C SER B 155 3.70 -19.50 -19.03
N LEU B 156 3.03 -18.63 -19.79
CA LEU B 156 1.59 -18.44 -19.73
C LEU B 156 0.93 -18.93 -21.01
N ARG B 157 -0.30 -19.42 -20.87
CA ARG B 157 -1.14 -19.59 -22.03
C ARG B 157 -1.51 -18.21 -22.57
N VAL B 158 -2.22 -18.18 -23.70
CA VAL B 158 -2.55 -16.92 -24.36
C VAL B 158 -4.01 -16.95 -24.79
N VAL B 159 -4.74 -15.88 -24.50
CA VAL B 159 -6.14 -15.75 -24.88
C VAL B 159 -6.46 -14.26 -24.94
N ASP B 160 -7.55 -13.91 -25.62
CA ASP B 160 -7.91 -12.51 -25.86
C ASP B 160 -7.74 -11.66 -24.62
N GLU B 161 -6.93 -10.60 -24.74
CA GLU B 161 -6.63 -9.73 -23.60
C GLU B 161 -7.80 -8.83 -23.24
N ALA B 162 -8.72 -8.59 -24.18
CA ALA B 162 -9.94 -7.83 -23.90
C ALA B 162 -11.07 -8.72 -23.39
N LEU B 163 -10.81 -10.01 -23.23
CA LEU B 163 -11.81 -10.98 -22.78
C LEU B 163 -11.46 -11.61 -21.45
N ALA B 164 -10.24 -12.12 -21.30
CA ALA B 164 -9.86 -12.81 -20.08
C ALA B 164 -9.90 -11.88 -18.88
N THR B 165 -9.46 -10.63 -19.05
CA THR B 165 -9.54 -9.66 -17.95
C THR B 165 -10.97 -9.47 -17.49
N ARG B 166 -11.89 -9.30 -18.43
CA ARG B 166 -13.31 -9.35 -18.10
C ARG B 166 -13.65 -10.69 -17.49
N THR B 167 -13.21 -11.78 -18.13
CA THR B 167 -13.49 -13.12 -17.62
C THR B 167 -12.81 -13.35 -16.28
N LEU B 168 -11.59 -12.84 -16.09
CA LEU B 168 -10.87 -13.08 -14.85
C LEU B 168 -11.50 -12.32 -13.69
N LEU B 169 -11.58 -11.00 -13.78
CA LEU B 169 -12.23 -10.23 -12.73
C LEU B 169 -13.62 -10.78 -12.43
N SER B 170 -14.40 -11.07 -13.48
CA SER B 170 -15.74 -11.62 -13.28
C SER B 170 -15.67 -12.96 -12.55
N ASN B 171 -14.85 -13.89 -13.05
CA ASN B 171 -14.69 -15.16 -12.36
C ASN B 171 -14.18 -14.95 -10.94
N LEU B 172 -13.32 -13.94 -10.75
CA LEU B 172 -12.84 -13.60 -9.42
C LEU B 172 -13.99 -13.25 -8.49
N ASN B 173 -14.69 -12.15 -8.79
CA ASN B 173 -15.77 -11.68 -7.94
C ASN B 173 -17.03 -12.54 -8.05
N ALA B 174 -17.06 -13.51 -8.96
CA ALA B 174 -18.18 -14.45 -9.00
C ALA B 174 -18.30 -15.24 -7.71
N VAL B 175 -17.25 -15.27 -6.89
CA VAL B 175 -17.23 -16.06 -5.66
C VAL B 175 -17.94 -15.39 -4.50
N ASP B 176 -18.30 -14.11 -4.62
CA ASP B 176 -19.07 -13.48 -3.56
C ASP B 176 -20.54 -13.83 -3.60
N MET B 177 -21.00 -14.52 -4.65
CA MET B 177 -22.35 -15.05 -4.71
C MET B 177 -22.42 -16.50 -4.23
N TRP B 178 -21.34 -17.02 -3.62
CA TRP B 178 -21.37 -18.33 -2.99
C TRP B 178 -20.70 -18.36 -1.63
N TYR B 179 -20.11 -17.27 -1.16
CA TYR B 179 -19.51 -17.18 0.16
C TYR B 179 -20.43 -16.49 1.16
N ARG B 180 -21.69 -16.24 0.78
CA ARG B 180 -22.59 -15.45 1.62
C ARG B 180 -22.90 -16.15 2.94
N ARG B 181 -23.07 -17.48 2.92
CA ARG B 181 -23.37 -18.26 4.12
C ARG B 181 -22.20 -19.19 4.45
N ILE B 182 -20.98 -18.67 4.29
CA ILE B 182 -19.78 -19.45 4.49
C ILE B 182 -18.81 -18.69 5.40
N GLU B 183 -19.04 -17.40 5.60
CA GLU B 183 -18.16 -16.58 6.42
C GLU B 183 -18.06 -17.15 7.84
N GLY B 184 -16.97 -16.81 8.52
CA GLY B 184 -16.83 -17.16 9.92
C GLY B 184 -15.68 -18.07 10.29
N GLN B 185 -14.55 -17.93 9.59
CA GLN B 185 -13.41 -18.81 9.87
C GLN B 185 -12.14 -18.03 10.17
N THR B 186 -11.02 -18.72 10.25
CA THR B 186 -9.72 -18.10 10.46
C THR B 186 -9.22 -17.44 9.18
N LEU B 187 -8.49 -16.34 9.33
CA LEU B 187 -7.90 -15.68 8.18
C LEU B 187 -6.82 -16.54 7.52
N ASP B 188 -6.26 -17.51 8.25
CA ASP B 188 -5.41 -18.50 7.61
C ASP B 188 -6.23 -19.42 6.72
N GLU B 189 -7.36 -19.89 7.24
CA GLU B 189 -8.23 -20.76 6.47
C GLU B 189 -8.81 -20.05 5.25
N ILE B 190 -8.90 -18.72 5.28
CA ILE B 190 -9.33 -17.98 4.10
C ILE B 190 -8.21 -17.94 3.05
N ASN B 191 -6.95 -17.86 3.50
CA ASN B 191 -5.84 -17.79 2.56
C ASN B 191 -5.68 -19.10 1.79
N GLU B 192 -5.90 -20.23 2.46
CA GLU B 192 -5.81 -21.51 1.76
C GLU B 192 -6.76 -21.55 0.58
N LEU B 193 -8.02 -21.15 0.81
CA LEU B 193 -9.00 -21.12 -0.28
C LEU B 193 -8.62 -20.10 -1.34
N ALA B 194 -8.22 -18.89 -0.91
CA ALA B 194 -7.80 -17.88 -1.86
C ALA B 194 -6.69 -18.41 -2.77
N THR B 195 -5.83 -19.27 -2.22
CA THR B 195 -4.78 -19.90 -3.03
C THR B 195 -5.37 -20.97 -3.95
N ASN B 196 -6.12 -21.91 -3.38
CA ASN B 196 -6.59 -23.03 -4.18
C ASN B 196 -7.53 -22.57 -5.29
N VAL B 197 -8.40 -21.60 -4.99
CA VAL B 197 -9.37 -21.15 -5.99
C VAL B 197 -8.66 -20.44 -7.14
N VAL B 198 -7.71 -19.56 -6.84
CA VAL B 198 -6.96 -18.92 -7.93
C VAL B 198 -6.26 -19.99 -8.76
N ASP B 199 -5.92 -21.12 -8.15
CA ASP B 199 -5.38 -22.24 -8.89
C ASP B 199 -6.35 -22.72 -9.96
N LEU B 200 -7.60 -23.00 -9.56
CA LEU B 200 -8.59 -23.48 -10.54
C LEU B 200 -8.83 -22.45 -11.62
N LEU B 201 -8.93 -21.18 -11.25
CA LEU B 201 -9.22 -20.14 -12.24
C LEU B 201 -7.99 -19.85 -13.10
N ILE B 202 -6.79 -20.09 -12.59
CA ILE B 202 -5.59 -19.68 -13.30
C ILE B 202 -4.89 -20.87 -13.93
N THR B 203 -4.40 -21.80 -13.10
CA THR B 203 -3.66 -22.93 -13.63
C THR B 203 -4.54 -23.86 -14.46
N GLY B 204 -5.87 -23.73 -14.35
CA GLY B 204 -6.77 -24.46 -15.21
C GLY B 204 -7.38 -25.67 -14.52
N MET B 205 -8.46 -26.18 -15.13
CA MET B 205 -9.13 -27.39 -14.67
C MET B 205 -8.91 -28.57 -15.60
N ALA B 206 -8.27 -28.36 -16.75
CA ALA B 206 -7.89 -29.43 -17.66
C ALA B 206 -6.45 -29.86 -17.38
N ASN B 207 -5.91 -30.75 -18.21
CA ASN B 207 -4.58 -31.31 -17.97
C ASN B 207 -3.47 -30.35 -18.38
N GLU C 9 7.80 -11.92 -1.70
CA GLU C 9 9.21 -12.11 -1.40
C GLU C 9 9.47 -13.53 -0.91
N ILE C 10 10.75 -13.86 -0.73
CA ILE C 10 11.11 -15.19 -0.23
C ILE C 10 10.79 -15.28 1.25
N ASP C 11 10.78 -16.52 1.75
CA ASP C 11 10.43 -16.78 3.15
C ASP C 11 11.63 -16.98 4.04
N VAL C 12 12.67 -17.65 3.55
CA VAL C 12 13.84 -17.99 4.33
C VAL C 12 15.04 -17.12 3.97
N LYS C 13 15.30 -16.94 2.68
CA LYS C 13 16.42 -16.11 2.24
C LYS C 13 16.31 -14.70 2.78
N THR C 14 15.11 -14.11 2.67
CA THR C 14 14.88 -12.72 3.04
C THR C 14 14.58 -12.53 4.52
N ARG C 15 14.28 -13.60 5.25
CA ARG C 15 14.02 -13.44 6.68
C ARG C 15 15.23 -12.90 7.41
N ILE C 16 16.42 -13.42 7.07
CA ILE C 16 17.65 -12.94 7.68
C ILE C 16 18.00 -11.53 7.18
N LEU C 17 17.68 -11.21 5.93
CA LEU C 17 18.03 -9.92 5.34
C LEU C 17 17.58 -8.77 6.24
N ASP C 18 16.27 -8.62 6.44
CA ASP C 18 15.75 -7.45 7.13
C ASP C 18 16.05 -7.48 8.62
N ALA C 19 15.97 -8.67 9.24
CA ALA C 19 16.39 -8.78 10.63
C ALA C 19 17.85 -8.37 10.79
N ALA C 20 18.69 -8.72 9.82
CA ALA C 20 20.05 -8.20 9.80
C ALA C 20 20.06 -6.68 9.65
N ALA C 21 19.20 -6.15 8.78
CA ALA C 21 19.16 -4.70 8.58
C ALA C 21 18.83 -3.97 9.88
N ASP C 22 17.77 -4.41 10.57
CA ASP C 22 17.43 -3.78 11.84
C ASP C 22 18.57 -3.93 12.84
N ALA C 23 19.32 -5.03 12.76
CA ALA C 23 20.49 -5.20 13.62
C ALA C 23 21.66 -4.35 13.16
N PHE C 24 21.89 -4.26 11.84
CA PHE C 24 22.98 -3.46 11.30
C PHE C 24 23.02 -2.08 11.93
N MET C 25 21.96 -1.30 11.74
CA MET C 25 21.93 0.07 12.24
C MET C 25 21.95 0.12 13.77
N VAL C 26 21.35 -0.87 14.43
CA VAL C 26 21.29 -0.85 15.89
C VAL C 26 22.68 -0.89 16.49
N HIS C 27 23.42 -1.96 16.21
CA HIS C 27 24.77 -2.09 16.73
C HIS C 27 25.81 -1.44 15.82
N GLY C 28 25.39 -0.96 14.65
CA GLY C 28 26.33 -0.54 13.63
C GLY C 28 26.86 -1.72 12.86
N PHE C 29 27.26 -1.52 11.59
CA PHE C 29 27.65 -2.66 10.76
C PHE C 29 28.85 -3.38 11.35
N ALA C 30 29.99 -2.68 11.44
CA ALA C 30 31.22 -3.32 11.89
C ALA C 30 31.06 -3.92 13.27
N ASN C 31 30.14 -3.38 14.08
CA ASN C 31 29.81 -3.93 15.38
C ASN C 31 28.60 -4.86 15.32
N THR C 32 28.39 -5.51 14.18
CA THR C 32 27.34 -6.50 14.00
C THR C 32 27.95 -7.74 13.34
N THR C 33 27.42 -8.90 13.71
CA THR C 33 27.98 -10.18 13.28
C THR C 33 26.87 -11.13 12.87
N ILE C 34 27.28 -12.28 12.33
CA ILE C 34 26.34 -13.34 12.02
C ILE C 34 25.59 -13.78 13.27
N ASP C 35 26.21 -13.61 14.44
CA ASP C 35 25.65 -14.14 15.68
C ASP C 35 24.26 -13.56 15.94
N ASP C 36 24.18 -12.24 16.18
CA ASP C 36 22.90 -11.64 16.53
C ASP C 36 21.93 -11.61 15.36
N ILE C 37 22.42 -11.69 14.13
CA ILE C 37 21.52 -11.92 13.00
C ILE C 37 20.82 -13.26 13.18
N ALA C 38 21.57 -14.28 13.59
CA ALA C 38 20.96 -15.56 13.91
C ALA C 38 19.98 -15.43 15.06
N GLU C 39 20.39 -14.76 16.14
CA GLU C 39 19.47 -14.51 17.24
C GLU C 39 18.34 -13.56 16.88
N GLN C 40 18.45 -12.88 15.73
CA GLN C 40 17.34 -12.07 15.23
C GLN C 40 16.29 -12.92 14.53
N VAL C 41 16.71 -14.01 13.88
CA VAL C 41 15.80 -14.84 13.09
C VAL C 41 15.54 -16.20 13.73
N GLY C 42 16.36 -16.63 14.67
CA GLY C 42 16.23 -17.96 15.25
C GLY C 42 16.98 -19.04 14.52
N ALA C 43 17.83 -18.70 13.56
CA ALA C 43 18.57 -19.68 12.80
C ALA C 43 19.95 -19.90 13.44
N THR C 44 20.85 -20.53 12.70
CA THR C 44 22.24 -20.69 13.12
C THR C 44 23.14 -20.31 11.95
N LYS C 45 24.41 -20.06 12.26
CA LYS C 45 25.36 -19.64 11.23
C LYS C 45 25.29 -20.53 9.99
N GLY C 46 24.95 -21.81 10.16
CA GLY C 46 24.85 -22.69 9.02
C GLY C 46 23.88 -22.19 7.97
N LEU C 47 22.68 -21.77 8.40
CA LEU C 47 21.69 -21.26 7.46
C LEU C 47 22.17 -19.99 6.78
N ILE C 48 22.78 -19.07 7.54
CA ILE C 48 23.28 -17.85 6.93
C ILE C 48 24.37 -18.20 5.91
N TYR C 49 25.26 -19.11 6.27
CA TYR C 49 26.35 -19.49 5.39
C TYR C 49 25.93 -20.46 4.29
N TYR C 50 24.77 -21.09 4.41
CA TYR C 50 24.19 -21.82 3.30
C TYR C 50 23.37 -20.92 2.39
N HIS C 51 22.96 -19.75 2.89
CA HIS C 51 22.24 -18.77 2.09
C HIS C 51 23.14 -17.69 1.51
N PHE C 52 24.32 -17.47 2.09
CA PHE C 52 25.25 -16.44 1.65
C PHE C 52 26.67 -16.95 1.83
N ARG C 53 27.62 -16.19 1.29
CA ARG C 53 29.03 -16.56 1.34
C ARG C 53 29.86 -15.67 2.25
N SER C 54 29.26 -14.65 2.87
CA SER C 54 29.99 -13.75 3.75
C SER C 54 29.00 -12.80 4.41
N LYS C 55 29.46 -12.14 5.46
CA LYS C 55 28.70 -11.08 6.12
C LYS C 55 28.55 -9.86 5.23
N PHE C 56 29.11 -9.92 4.02
CA PHE C 56 29.13 -8.82 3.07
C PHE C 56 28.03 -8.96 2.02
N ASP C 57 27.89 -10.16 1.45
CA ASP C 57 26.75 -10.44 0.57
C ASP C 57 25.44 -10.11 1.27
N ILE C 58 25.33 -10.44 2.56
CA ILE C 58 24.13 -10.13 3.32
C ILE C 58 23.80 -8.64 3.20
N PHE C 59 24.78 -7.80 3.54
CA PHE C 59 24.58 -6.36 3.48
C PHE C 59 24.23 -5.90 2.07
N LEU C 60 24.88 -6.49 1.06
CA LEU C 60 24.63 -6.05 -0.31
C LEU C 60 23.23 -6.44 -0.78
N ALA C 61 22.82 -7.68 -0.52
CA ALA C 61 21.48 -8.10 -0.88
C ALA C 61 20.43 -7.30 -0.13
N VAL C 62 20.66 -7.04 1.16
CA VAL C 62 19.68 -6.27 1.94
C VAL C 62 19.60 -4.85 1.45
N TYR C 63 20.74 -4.26 1.04
CA TYR C 63 20.67 -2.95 0.41
C TYR C 63 20.01 -3.02 -0.96
N GLU C 64 20.16 -4.14 -1.65
CA GLU C 64 19.36 -4.40 -2.85
C GLU C 64 17.88 -4.29 -2.52
N ASP C 65 17.48 -4.74 -1.33
CA ASP C 65 16.08 -4.75 -0.91
C ASP C 65 15.64 -3.41 -0.32
N GLY C 66 16.56 -2.61 0.19
CA GLY C 66 16.22 -1.31 0.74
C GLY C 66 16.14 -0.24 -0.31
N MET C 67 16.82 -0.46 -1.44
CA MET C 67 16.72 0.39 -2.62
C MET C 67 15.86 -0.27 -3.69
N ARG C 68 15.15 -1.32 -3.33
CA ARG C 68 14.07 -1.91 -4.12
C ARG C 68 12.70 -1.50 -3.61
N ARG C 69 12.59 -1.32 -2.29
CA ARG C 69 11.32 -1.08 -1.59
C ARG C 69 10.99 0.40 -1.58
N VAL C 70 11.87 1.20 -0.98
CA VAL C 70 11.75 2.65 -1.04
C VAL C 70 11.80 3.10 -2.50
N ARG C 71 12.66 2.47 -3.30
CA ARG C 71 12.87 2.88 -4.68
C ARG C 71 11.59 2.77 -5.50
N GLU C 72 10.87 1.67 -5.38
CA GLU C 72 9.62 1.48 -6.09
C GLU C 72 8.41 1.96 -5.28
N ARG C 73 8.65 2.82 -4.29
CA ARG C 73 7.58 3.36 -3.47
C ARG C 73 7.53 4.88 -3.52
N VAL C 74 8.47 5.52 -4.20
CA VAL C 74 8.54 6.98 -4.25
C VAL C 74 8.57 7.46 -5.69
N GLU C 75 9.08 6.64 -6.60
CA GLU C 75 9.35 7.05 -7.97
C GLU C 75 8.10 7.03 -8.85
N PRO C 76 7.21 6.02 -8.73
CA PRO C 76 6.08 5.92 -9.68
C PRO C 76 5.41 7.24 -9.98
N HIS C 77 5.43 8.15 -9.02
CA HIS C 77 4.84 9.48 -9.23
C HIS C 77 5.50 10.22 -10.38
N ALA C 78 6.73 9.85 -10.74
CA ALA C 78 7.40 10.41 -11.91
C ALA C 78 7.51 9.37 -13.02
N GLY C 82 -0.18 15.22 -11.85
CA GLY C 82 -0.29 16.37 -10.95
C GLY C 82 0.59 17.53 -11.35
N THR C 83 0.84 18.43 -10.39
CA THR C 83 1.68 19.60 -10.64
C THR C 83 3.12 19.31 -10.23
N GLY C 84 3.97 20.33 -10.32
CA GLY C 84 5.36 20.22 -9.94
C GLY C 84 5.55 19.99 -8.46
N ARG C 85 5.17 20.99 -7.64
CA ARG C 85 5.30 20.88 -6.21
C ARG C 85 4.47 19.74 -5.65
N GLU C 86 3.53 19.20 -6.43
CA GLU C 86 2.83 18.00 -6.01
C GLU C 86 3.55 16.73 -6.43
N ARG C 87 4.28 16.78 -7.54
CA ARG C 87 5.24 15.73 -7.87
C ARG C 87 6.28 15.54 -6.77
N LEU C 88 6.31 16.41 -5.76
CA LEU C 88 7.35 16.41 -4.74
C LEU C 88 6.83 16.10 -3.34
N VAL C 89 5.86 16.86 -2.84
CA VAL C 89 5.46 16.80 -1.44
C VAL C 89 4.72 15.49 -1.15
N ALA C 90 4.46 14.71 -2.20
CA ALA C 90 3.87 13.37 -2.06
C ALA C 90 4.88 12.26 -2.25
N MET C 91 5.78 12.37 -3.23
CA MET C 91 6.85 11.40 -3.36
C MET C 91 7.69 11.35 -2.10
N SER C 92 8.01 12.51 -1.53
CA SER C 92 8.85 12.57 -0.33
C SER C 92 8.22 11.75 0.81
N VAL C 93 6.93 11.93 1.06
CA VAL C 93 6.27 11.09 2.05
C VAL C 93 6.20 9.65 1.58
N ALA C 94 6.30 9.40 0.27
CA ALA C 94 6.33 8.03 -0.23
C ALA C 94 7.54 7.28 0.31
N HIS C 95 8.70 7.95 0.35
CA HIS C 95 9.87 7.37 1.01
C HIS C 95 9.79 7.53 2.53
N LEU C 96 9.17 8.61 3.01
CA LEU C 96 9.06 8.82 4.45
C LEU C 96 8.28 7.69 5.11
N GLU C 97 7.17 7.28 4.50
CA GLU C 97 6.53 6.05 4.94
C GLU C 97 7.48 4.87 4.81
N ASN C 98 8.30 4.86 3.77
CA ASN C 98 9.32 3.85 3.56
C ASN C 98 10.55 4.05 4.46
N LEU C 99 10.45 4.91 5.46
CA LEU C 99 11.53 5.13 6.43
C LEU C 99 11.10 4.92 7.87
N MET C 100 9.88 5.31 8.24
CA MET C 100 9.43 5.22 9.61
C MET C 100 9.04 3.81 10.02
N THR C 101 8.91 2.89 9.07
CA THR C 101 8.51 1.52 9.33
C THR C 101 9.60 0.49 9.03
N GLU C 102 10.34 0.67 7.95
CA GLU C 102 11.59 -0.06 7.72
C GLU C 102 12.79 0.74 8.20
N LEU C 103 12.64 1.45 9.33
CA LEU C 103 13.67 2.34 9.85
C LEU C 103 15.04 1.67 9.78
N GLY C 104 15.08 0.34 9.92
CA GLY C 104 16.30 -0.39 9.64
C GLY C 104 16.66 -0.37 8.15
N TYR C 105 15.68 -0.61 7.28
CA TYR C 105 15.96 -0.72 5.86
C TYR C 105 16.48 0.58 5.26
N HIS C 106 16.24 1.72 5.91
CA HIS C 106 16.85 2.97 5.45
C HIS C 106 18.08 3.36 6.27
N HIS C 107 18.04 3.21 7.59
CA HIS C 107 19.17 3.59 8.41
C HIS C 107 20.42 2.79 8.08
N VAL C 108 20.31 1.77 7.23
CA VAL C 108 21.48 1.04 6.75
C VAL C 108 21.45 0.95 5.22
N VAL C 109 20.60 1.76 4.57
CA VAL C 109 20.86 2.10 3.17
C VAL C 109 21.86 3.25 3.08
N HIS C 110 22.35 3.73 4.21
CA HIS C 110 23.37 4.76 4.35
C HIS C 110 24.53 4.35 5.24
N GLN C 111 24.27 3.59 6.30
CA GLN C 111 25.28 3.28 7.31
C GLN C 111 26.55 2.69 6.70
N TYR C 115 31.68 5.28 5.63
CA TYR C 115 33.06 4.80 5.59
C TYR C 115 33.53 4.65 4.14
N GLN C 116 32.98 3.65 3.46
CA GLN C 116 33.06 3.47 2.01
C GLN C 116 34.49 3.26 1.54
N ALA C 117 35.45 3.45 2.43
CA ALA C 117 36.84 3.04 2.20
C ALA C 117 37.43 2.78 3.58
N SER C 118 37.30 1.53 4.03
CA SER C 118 37.85 1.12 5.32
C SER C 118 38.88 0.01 5.17
N THR C 119 38.52 -1.07 4.48
CA THR C 119 39.47 -2.15 4.23
C THR C 119 38.77 -3.27 3.47
N ALA C 120 39.57 -4.12 2.83
CA ALA C 120 39.18 -5.49 2.46
C ALA C 120 37.92 -5.49 1.57
N LEU C 121 38.11 -4.98 0.35
CA LEU C 121 37.05 -4.98 -0.66
C LEU C 121 37.41 -5.98 -1.76
N LYS C 122 36.50 -6.92 -2.03
CA LYS C 122 36.64 -7.82 -3.17
C LYS C 122 36.10 -7.16 -4.42
N ILE C 123 36.74 -7.43 -5.56
CA ILE C 123 36.57 -6.58 -6.73
C ILE C 123 35.13 -6.67 -7.25
N ARG C 124 34.72 -7.86 -7.73
CA ARG C 124 33.32 -8.00 -8.15
C ARG C 124 32.39 -7.76 -6.99
N GLN C 125 32.82 -8.06 -5.76
CA GLN C 125 32.12 -7.61 -4.57
C GLN C 125 32.08 -6.09 -4.48
N ARG C 126 32.93 -5.39 -5.23
CA ARG C 126 32.84 -3.95 -5.38
C ARG C 126 32.04 -3.53 -6.61
N ASP C 127 32.09 -4.32 -7.69
CA ASP C 127 31.27 -4.03 -8.86
C ASP C 127 29.80 -3.90 -8.48
N ALA C 128 29.33 -4.77 -7.59
CA ALA C 128 27.94 -4.70 -7.14
C ALA C 128 27.63 -3.34 -6.52
N LEU C 129 28.51 -2.86 -5.64
CA LEU C 129 28.30 -1.55 -5.04
C LEU C 129 28.37 -0.45 -6.08
N ALA C 130 29.27 -0.60 -7.07
CA ALA C 130 29.38 0.41 -8.12
C ALA C 130 28.06 0.56 -8.88
N ALA C 131 27.42 -0.55 -9.21
CA ALA C 131 26.11 -0.48 -9.85
C ALA C 131 25.03 -0.08 -8.84
N LEU C 132 25.19 -0.47 -7.58
CA LEU C 132 24.21 -0.11 -6.56
C LEU C 132 24.10 1.40 -6.41
N ASN C 133 25.23 2.11 -6.50
CA ASN C 133 25.18 3.57 -6.48
C ASN C 133 24.43 4.11 -7.69
N GLU C 134 24.47 3.41 -8.82
CA GLU C 134 23.75 3.85 -10.01
C GLU C 134 22.25 3.84 -9.78
N LEU C 135 21.73 2.85 -9.04
CA LEU C 135 20.32 2.82 -8.70
C LEU C 135 19.89 4.11 -7.99
N ARG C 136 20.61 4.48 -6.93
CA ARG C 136 20.28 5.70 -6.21
C ARG C 136 20.41 6.92 -7.11
N ARG C 137 21.49 7.01 -7.87
CA ARG C 137 21.70 8.14 -8.76
C ARG C 137 20.62 8.21 -9.84
N ASP C 138 20.29 7.06 -10.43
CA ASP C 138 19.20 7.05 -11.41
C ASP C 138 17.86 7.26 -10.73
N TYR C 139 17.67 6.66 -9.55
CA TYR C 139 16.53 7.03 -8.71
C TYR C 139 16.54 8.52 -8.41
N GLU C 140 17.74 9.12 -8.32
CA GLU C 140 17.84 10.57 -8.16
C GLU C 140 17.27 11.29 -9.38
N LEU C 141 17.62 10.83 -10.58
CA LEU C 141 17.18 11.48 -11.82
C LEU C 141 15.66 11.57 -11.89
N MET C 142 14.97 10.55 -11.40
CA MET C 142 13.50 10.56 -11.39
C MET C 142 12.97 11.64 -10.46
N PHE C 143 13.87 12.38 -9.82
CA PHE C 143 13.50 13.46 -8.92
C PHE C 143 14.16 14.78 -9.29
N ARG C 144 15.43 14.75 -9.71
CA ARG C 144 16.11 15.99 -10.09
C ARG C 144 15.50 16.61 -11.34
N ARG C 145 14.74 15.85 -12.12
CA ARG C 145 14.09 16.36 -13.32
C ARG C 145 12.62 16.68 -13.09
N VAL C 146 12.00 16.08 -12.07
CA VAL C 146 10.68 16.52 -11.65
C VAL C 146 10.72 17.99 -11.23
N VAL C 147 11.85 18.43 -10.69
CA VAL C 147 11.99 19.83 -10.28
C VAL C 147 12.37 20.72 -11.45
N ALA C 148 13.11 20.18 -12.43
CA ALA C 148 13.28 20.90 -13.69
C ALA C 148 11.93 21.13 -14.37
N GLU C 149 10.98 20.23 -14.14
CA GLU C 149 9.62 20.41 -14.63
C GLU C 149 8.79 21.31 -13.73
N GLY C 150 9.22 21.49 -12.47
CA GLY C 150 8.44 22.26 -11.51
C GLY C 150 8.89 23.70 -11.36
N ILE C 151 10.17 23.96 -11.60
CA ILE C 151 10.65 25.33 -11.55
C ILE C 151 9.88 26.20 -12.54
N ALA C 152 9.61 25.65 -13.73
CA ALA C 152 8.84 26.40 -14.73
C ALA C 152 7.40 26.57 -14.30
N ASP C 153 6.77 25.49 -13.84
CA ASP C 153 5.37 25.58 -13.40
C ASP C 153 5.24 26.33 -12.08
N GLY C 154 6.34 26.65 -11.43
CA GLY C 154 6.34 27.56 -10.29
C GLY C 154 5.76 27.02 -9.01
N SER C 155 5.14 25.85 -9.01
CA SER C 155 4.52 25.33 -7.80
C SER C 155 5.51 25.22 -6.64
N LEU C 156 6.81 25.24 -6.92
CA LEU C 156 7.84 25.26 -5.90
C LEU C 156 8.73 26.47 -6.07
N ARG C 157 9.09 27.10 -4.95
CA ARG C 157 10.10 28.14 -4.94
C ARG C 157 11.34 27.68 -5.69
N VAL C 158 11.70 28.42 -6.72
CA VAL C 158 12.80 28.05 -7.62
C VAL C 158 14.11 28.51 -6.99
N VAL C 159 14.98 27.56 -6.65
CA VAL C 159 16.24 27.85 -5.98
C VAL C 159 17.34 27.03 -6.65
N ASP C 160 18.56 27.09 -6.09
CA ASP C 160 19.62 26.22 -6.56
C ASP C 160 19.17 24.76 -6.48
N GLU C 161 19.36 24.03 -7.58
CA GLU C 161 18.66 22.76 -7.77
C GLU C 161 19.41 21.56 -7.15
N ALA C 162 20.66 21.34 -7.56
CA ALA C 162 21.43 20.25 -6.97
C ALA C 162 21.45 20.36 -5.46
N LEU C 163 21.74 21.55 -4.95
CA LEU C 163 21.58 21.84 -3.54
C LEU C 163 20.17 21.50 -3.06
N ALA C 164 19.16 21.85 -3.87
CA ALA C 164 17.78 21.54 -3.50
C ALA C 164 17.46 20.06 -3.65
N THR C 165 17.93 19.44 -4.73
CA THR C 165 17.58 18.04 -4.98
C THR C 165 18.06 17.13 -3.87
N ARG C 166 19.18 17.48 -3.22
CA ARG C 166 19.71 16.68 -2.13
C ARG C 166 19.58 17.34 -0.77
N THR C 167 19.13 18.61 -0.71
CA THR C 167 18.81 19.20 0.58
C THR C 167 17.55 18.59 1.19
N LEU C 168 16.62 18.15 0.34
CA LEU C 168 15.49 17.36 0.81
C LEU C 168 15.89 15.92 1.10
N LEU C 169 16.87 15.40 0.37
CA LEU C 169 17.31 14.02 0.56
C LEU C 169 18.01 13.80 1.89
N SER C 170 18.59 14.86 2.47
CA SER C 170 19.14 14.79 3.82
C SER C 170 18.15 15.26 4.86
N ASN C 171 17.46 16.37 4.59
CA ASN C 171 16.46 16.88 5.52
C ASN C 171 15.33 15.88 5.74
N LEU C 172 15.10 14.98 4.78
CA LEU C 172 14.07 13.95 4.90
C LEU C 172 14.64 12.59 5.29
N ASN C 173 15.77 12.19 4.72
CA ASN C 173 16.39 10.93 5.09
C ASN C 173 17.03 10.97 6.47
N ALA C 174 17.15 12.15 7.08
CA ALA C 174 17.74 12.30 8.41
C ALA C 174 16.70 12.53 9.50
N VAL C 175 15.41 12.46 9.16
CA VAL C 175 14.36 12.42 10.18
C VAL C 175 14.29 11.06 10.85
N ASP C 176 14.97 10.06 10.28
CA ASP C 176 15.19 8.79 10.97
C ASP C 176 16.18 8.92 12.11
N MET C 177 16.70 10.12 12.36
CA MET C 177 17.62 10.38 13.46
C MET C 177 16.92 10.77 14.76
N TRP C 178 15.59 10.97 14.73
CA TRP C 178 14.87 11.27 15.97
C TRP C 178 13.55 10.51 16.07
N TYR C 179 13.26 9.58 15.17
CA TYR C 179 12.13 8.69 15.32
C TYR C 179 12.57 7.33 15.85
N ARG C 180 11.67 6.67 16.55
CA ARG C 180 11.96 5.35 17.12
C ARG C 180 10.92 4.35 16.64
N ARG C 181 11.28 3.08 16.71
CA ARG C 181 10.36 2.02 16.33
C ARG C 181 9.26 1.90 17.37
N ILE C 182 8.43 2.94 17.49
CA ILE C 182 7.43 3.03 18.54
C ILE C 182 6.21 2.24 18.09
N GLU C 183 6.09 1.00 18.56
CA GLU C 183 4.94 0.14 18.26
C GLU C 183 3.79 0.42 19.21
N GLY C 184 3.47 1.70 19.39
CA GLY C 184 2.28 2.13 20.09
C GLY C 184 1.48 3.04 19.20
N GLN C 185 2.05 3.32 18.02
CA GLN C 185 1.40 4.07 16.97
C GLN C 185 1.72 3.41 15.64
N THR C 186 0.71 3.20 14.82
CA THR C 186 0.84 2.51 13.54
C THR C 186 0.44 3.48 12.42
N LEU C 187 0.35 2.96 11.19
CA LEU C 187 0.09 3.81 10.03
C LEU C 187 -1.05 4.78 10.28
N ASP C 188 -2.07 4.35 11.02
CA ASP C 188 -3.18 5.25 11.35
C ASP C 188 -2.71 6.49 12.11
N GLU C 189 -1.56 6.39 12.79
CA GLU C 189 -0.94 7.54 13.44
C GLU C 189 0.54 7.67 13.10
N ILE C 190 1.07 6.82 12.23
CA ILE C 190 2.43 6.98 11.73
C ILE C 190 2.47 7.66 10.35
N ASN C 191 1.39 7.56 9.56
CA ASN C 191 1.30 8.31 8.32
C ASN C 191 1.06 9.80 8.55
N GLU C 192 0.77 10.20 9.79
CA GLU C 192 0.62 11.62 10.13
C GLU C 192 1.95 12.28 10.44
N LEU C 193 2.91 11.53 10.98
CA LEU C 193 4.22 12.09 11.29
C LEU C 193 4.90 12.62 10.04
N ALA C 194 4.99 11.80 8.98
CA ALA C 194 5.78 12.13 7.80
C ALA C 194 5.05 13.04 6.82
N THR C 195 3.72 13.04 6.83
CA THR C 195 2.97 13.91 5.93
C THR C 195 2.86 15.33 6.46
N ASN C 196 3.01 15.53 7.78
CA ASN C 196 3.04 16.88 8.34
C ASN C 196 4.34 17.60 8.02
N VAL C 197 5.47 16.92 8.18
CA VAL C 197 6.78 17.56 8.04
C VAL C 197 7.28 17.45 6.61
N VAL C 198 6.43 16.96 5.70
CA VAL C 198 6.77 16.98 4.27
C VAL C 198 6.36 18.29 3.62
N ASP C 199 5.50 19.08 4.26
CA ASP C 199 5.26 20.47 3.89
C ASP C 199 5.97 21.44 4.81
N LEU C 200 6.43 20.99 5.98
CA LEU C 200 7.32 21.77 6.84
C LEU C 200 8.71 21.87 6.26
N LEU C 201 9.01 21.13 5.18
CA LEU C 201 10.27 21.20 4.48
C LEU C 201 10.14 21.72 3.05
N ILE C 202 8.92 21.85 2.53
CA ILE C 202 8.74 22.12 1.10
C ILE C 202 8.35 23.58 0.87
N THR C 203 7.59 24.18 1.79
CA THR C 203 7.05 25.52 1.59
C THR C 203 7.84 26.59 2.35
N GLY C 204 7.94 26.48 3.67
CA GLY C 204 8.58 27.49 4.49
C GLY C 204 7.57 28.36 5.21
N MET C 205 8.11 29.39 5.88
CA MET C 205 7.25 30.27 6.67
C MET C 205 7.49 31.74 6.33
N ALA C 206 6.97 32.63 7.17
CA ALA C 206 7.22 34.07 7.07
C ALA C 206 6.48 34.73 5.91
N ASN C 207 5.31 34.23 5.56
CA ASN C 207 4.48 34.86 4.54
C ASN C 207 5.20 34.91 3.19
N LEU D 8 50.54 27.35 26.31
CA LEU D 8 51.05 26.92 25.02
C LEU D 8 51.27 25.41 24.97
N GLU D 9 50.40 24.66 25.65
CA GLU D 9 50.39 23.21 25.56
C GLU D 9 49.05 22.63 25.14
N ILE D 10 47.97 23.40 25.22
CA ILE D 10 46.66 22.92 24.79
C ILE D 10 46.75 22.49 23.33
N ASP D 11 47.78 22.98 22.62
CA ASP D 11 48.18 22.43 21.34
C ASP D 11 48.12 20.91 21.39
N VAL D 12 48.59 20.33 22.51
CA VAL D 12 48.62 18.88 22.64
C VAL D 12 47.22 18.33 22.83
N LYS D 13 46.52 18.82 23.85
CA LYS D 13 45.16 18.37 24.09
C LYS D 13 44.27 18.64 22.88
N THR D 14 44.40 19.83 22.28
CA THR D 14 43.63 20.13 21.08
C THR D 14 44.05 19.24 19.91
N ARG D 15 45.34 18.95 19.79
CA ARG D 15 45.79 18.08 18.71
C ARG D 15 45.21 16.68 18.85
N ILE D 16 45.06 16.20 20.08
CA ILE D 16 44.49 14.88 20.30
C ILE D 16 43.05 14.82 19.81
N LEU D 17 42.24 15.79 20.24
CA LEU D 17 40.81 15.74 19.95
C LEU D 17 40.52 15.93 18.47
N ASP D 18 41.09 16.97 17.86
CA ASP D 18 40.82 17.24 16.45
C ASP D 18 41.06 16.00 15.60
N ALA D 19 42.24 15.41 15.75
CA ALA D 19 42.52 14.13 15.10
C ALA D 19 41.68 13.00 15.66
N ALA D 20 41.02 13.21 16.80
CA ALA D 20 40.10 12.21 17.36
C ALA D 20 38.67 12.43 16.91
N ALA D 21 38.21 13.68 16.91
CA ALA D 21 36.85 13.99 16.47
C ALA D 21 36.69 13.74 14.98
N ASP D 22 37.61 14.26 14.18
CA ASP D 22 37.57 13.99 12.74
C ASP D 22 38.00 12.58 12.40
N ALA D 23 38.51 11.82 13.37
CA ALA D 23 38.75 10.39 13.19
C ALA D 23 37.53 9.56 13.58
N PHE D 24 36.75 10.03 14.56
CA PHE D 24 35.54 9.31 14.94
C PHE D 24 34.63 9.08 13.75
N MET D 25 34.35 10.15 12.99
CA MET D 25 33.43 10.04 11.86
C MET D 25 33.75 8.86 10.98
N VAL D 26 34.93 8.90 10.36
CA VAL D 26 35.25 7.98 9.27
C VAL D 26 35.16 6.52 9.71
N HIS D 27 35.22 6.26 11.01
CA HIS D 27 35.23 4.89 11.51
C HIS D 27 34.16 4.58 12.54
N GLY D 28 33.61 5.56 13.22
CA GLY D 28 32.63 5.31 14.27
C GLY D 28 33.29 5.22 15.63
N PHE D 29 32.54 5.66 16.65
CA PHE D 29 33.11 5.70 18.00
C PHE D 29 33.52 4.30 18.46
N ALA D 30 32.63 3.32 18.30
CA ALA D 30 32.93 1.98 18.79
C ALA D 30 34.15 1.39 18.10
N ASN D 31 34.25 1.54 16.78
CA ASN D 31 35.41 1.03 16.06
C ASN D 31 36.65 1.87 16.33
N THR D 32 36.48 3.15 16.62
CA THR D 32 37.62 4.00 16.93
C THR D 32 38.33 3.49 18.19
N THR D 33 39.65 3.47 18.13
CA THR D 33 40.48 3.00 19.23
C THR D 33 41.55 4.04 19.51
N ILE D 34 41.82 4.27 20.80
CA ILE D 34 42.74 5.34 21.19
C ILE D 34 44.05 5.24 20.43
N ASP D 35 44.41 4.04 19.97
CA ASP D 35 45.57 3.91 19.09
C ASP D 35 45.27 4.49 17.72
N ASP D 36 44.03 4.34 17.24
CA ASP D 36 43.62 5.02 16.01
C ASP D 36 43.94 6.50 16.10
N ILE D 37 43.67 7.10 17.26
CA ILE D 37 44.04 8.49 17.50
C ILE D 37 45.55 8.64 17.51
N ALA D 38 46.24 7.78 18.25
CA ALA D 38 47.69 7.91 18.39
C ALA D 38 48.37 7.90 17.03
N GLU D 39 48.03 6.94 16.18
CA GLU D 39 48.55 6.97 14.82
C GLU D 39 48.03 8.19 14.05
N GLN D 40 46.84 8.68 14.42
CA GLN D 40 46.26 9.82 13.71
C GLN D 40 47.00 11.12 13.98
N VAL D 41 47.80 11.20 15.03
CA VAL D 41 48.59 12.39 15.31
C VAL D 41 50.08 12.13 15.29
N GLY D 42 50.52 10.87 15.35
CA GLY D 42 51.93 10.57 15.48
C GLY D 42 52.46 10.72 16.89
N ALA D 43 51.62 10.48 17.89
CA ALA D 43 52.00 10.69 19.28
C ALA D 43 51.87 9.38 20.06
N THR D 44 52.66 9.28 21.13
CA THR D 44 52.63 8.10 21.97
C THR D 44 51.24 7.89 22.54
N LYS D 45 50.82 6.63 22.62
CA LYS D 45 49.54 6.29 23.24
C LYS D 45 49.45 6.82 24.66
N GLY D 46 50.58 6.90 25.35
CA GLY D 46 50.62 7.40 26.72
C GLY D 46 50.08 8.79 26.89
N LEU D 47 50.71 9.78 26.24
CA LEU D 47 50.28 11.16 26.43
C LEU D 47 48.79 11.34 26.12
N ILE D 48 48.25 10.52 25.21
CA ILE D 48 46.81 10.49 25.02
C ILE D 48 46.13 10.12 26.34
N TYR D 49 46.56 9.00 26.93
CA TYR D 49 45.97 8.57 28.19
C TYR D 49 46.27 9.55 29.32
N TYR D 50 47.39 10.26 29.25
CA TYR D 50 47.68 11.25 30.27
C TYR D 50 46.63 12.35 30.27
N HIS D 51 46.38 12.95 29.11
CA HIS D 51 45.44 14.06 29.02
C HIS D 51 43.99 13.61 29.11
N PHE D 52 43.74 12.29 29.11
CA PHE D 52 42.39 11.79 28.98
C PHE D 52 42.28 10.46 29.72
N ARG D 53 41.30 10.36 30.62
CA ARG D 53 41.16 9.16 31.44
C ARG D 53 40.79 7.94 30.62
N SER D 54 40.06 8.12 29.51
CA SER D 54 39.69 7.00 28.66
C SER D 54 39.01 7.53 27.41
N LYS D 55 38.87 6.65 26.41
CA LYS D 55 38.34 7.06 25.11
C LYS D 55 36.99 7.76 25.27
N PHE D 56 36.05 7.09 25.92
CA PHE D 56 34.72 7.66 26.19
C PHE D 56 34.85 9.08 26.73
N ASP D 57 35.84 9.30 27.59
CA ASP D 57 36.07 10.63 28.14
C ASP D 57 36.45 11.61 27.04
N ILE D 58 37.41 11.23 26.19
CA ILE D 58 37.90 12.16 25.18
C ILE D 58 36.81 12.47 24.17
N PHE D 59 36.02 11.48 23.78
CA PHE D 59 34.81 11.75 23.01
C PHE D 59 33.89 12.67 23.81
N LEU D 60 33.74 12.38 25.10
CA LEU D 60 33.07 13.34 25.98
C LEU D 60 33.80 14.68 25.98
N ALA D 61 35.13 14.65 25.80
CA ALA D 61 35.89 15.89 25.72
C ALA D 61 35.59 16.65 24.43
N VAL D 62 35.63 15.95 23.28
CA VAL D 62 35.39 16.62 22.01
C VAL D 62 33.98 17.18 21.96
N TYR D 63 32.99 16.40 22.40
CA TYR D 63 31.62 16.90 22.45
C TYR D 63 31.51 18.09 23.40
N GLU D 64 32.16 18.00 24.56
CA GLU D 64 32.07 19.07 25.55
C GLU D 64 32.54 20.39 24.96
N ASP D 65 33.73 20.39 24.37
CA ASP D 65 34.27 21.63 23.80
C ASP D 65 33.47 22.06 22.57
N GLY D 66 33.23 21.13 21.65
CA GLY D 66 32.48 21.46 20.45
C GLY D 66 31.04 21.87 20.72
N MET D 67 30.52 21.54 21.89
CA MET D 67 29.18 21.96 22.30
C MET D 67 29.22 23.35 22.93
N ARG D 68 30.02 23.50 24.00
CA ARG D 68 30.13 24.80 24.65
C ARG D 68 30.76 25.85 23.73
N ARG D 69 31.77 25.46 22.96
CA ARG D 69 32.50 26.43 22.15
C ARG D 69 31.58 27.14 21.18
N VAL D 70 31.01 26.39 20.23
CA VAL D 70 30.13 27.00 19.24
C VAL D 70 28.76 27.37 19.80
N ARG D 71 28.48 27.00 21.05
CA ARG D 71 27.35 27.61 21.75
C ARG D 71 27.59 29.10 21.93
N GLU D 72 28.86 29.50 22.08
CA GLU D 72 29.27 30.90 22.03
C GLU D 72 29.40 31.42 20.59
N ARG D 73 29.29 30.55 19.59
CA ARG D 73 29.47 30.94 18.20
C ARG D 73 28.19 31.47 17.57
N VAL D 74 27.04 31.16 18.13
CA VAL D 74 25.75 31.56 17.56
C VAL D 74 24.99 32.53 18.46
N GLU D 75 25.46 32.78 19.69
CA GLU D 75 24.62 33.48 20.66
C GLU D 75 24.59 34.98 20.41
N PRO D 76 25.74 35.64 20.24
CA PRO D 76 25.72 37.04 19.79
C PRO D 76 24.87 37.24 18.54
N HIS D 77 24.55 36.17 17.81
CA HIS D 77 23.54 36.24 16.77
C HIS D 77 22.15 36.38 17.38
N ALA D 78 21.91 35.72 18.51
CA ALA D 78 20.63 35.78 19.21
C ALA D 78 20.58 36.89 20.26
N GLY D 79 21.71 37.52 20.56
CA GLY D 79 21.75 38.60 21.53
C GLY D 79 21.43 39.94 20.89
N GLY D 80 20.78 39.90 19.73
CA GLY D 80 20.40 41.10 19.01
C GLY D 80 18.93 41.09 18.67
N ALA D 81 18.09 40.71 19.63
CA ALA D 81 16.67 40.50 19.37
C ALA D 81 16.08 41.67 18.58
N GLY D 82 15.67 41.38 17.35
CA GLY D 82 15.11 42.35 16.45
C GLY D 82 14.03 41.65 15.64
N THR D 83 14.14 41.71 14.32
CA THR D 83 13.40 40.78 13.49
C THR D 83 13.67 39.36 14.00
N GLY D 84 12.67 38.71 14.58
CA GLY D 84 12.86 37.38 15.13
C GLY D 84 13.43 36.45 14.09
N ARG D 85 12.62 36.16 13.06
CA ARG D 85 13.05 35.25 12.00
C ARG D 85 14.39 35.65 11.43
N GLU D 86 14.55 36.92 11.05
CA GLU D 86 15.83 37.35 10.50
C GLU D 86 16.91 37.44 11.56
N ARG D 87 16.55 37.32 12.83
CA ARG D 87 17.51 36.99 13.87
C ARG D 87 17.71 35.49 13.98
N LEU D 88 16.70 34.70 13.59
CA LEU D 88 16.88 33.25 13.52
C LEU D 88 17.96 32.89 12.51
N VAL D 89 17.84 33.40 11.29
CA VAL D 89 18.79 33.05 10.24
C VAL D 89 20.18 33.55 10.60
N ALA D 90 20.28 34.78 11.10
CA ALA D 90 21.56 35.26 11.60
C ALA D 90 22.10 34.34 12.67
N MET D 91 21.20 33.75 13.47
CA MET D 91 21.60 32.71 14.42
C MET D 91 22.07 31.45 13.71
N SER D 92 21.18 30.85 12.92
CA SER D 92 21.45 29.52 12.36
C SER D 92 22.66 29.52 11.44
N VAL D 93 22.89 30.60 10.70
CA VAL D 93 24.03 30.65 9.79
C VAL D 93 25.33 30.34 10.53
N ALA D 94 25.40 30.69 11.82
CA ALA D 94 26.59 30.43 12.62
C ALA D 94 26.64 29.01 13.18
N HIS D 95 25.55 28.24 13.04
CA HIS D 95 25.57 26.83 13.45
C HIS D 95 25.88 25.90 12.29
N LEU D 96 25.55 26.31 11.07
CA LEU D 96 25.90 25.54 9.88
C LEU D 96 27.19 26.02 9.24
N GLU D 97 27.83 27.06 9.80
CA GLU D 97 29.17 27.42 9.40
C GLU D 97 30.20 26.48 10.03
N ASN D 98 30.18 26.38 11.36
CA ASN D 98 31.05 25.45 12.06
C ASN D 98 30.80 24.00 11.64
N LEU D 99 29.62 23.69 11.12
CA LEU D 99 29.32 22.32 10.73
C LEU D 99 30.07 21.89 9.49
N MET D 100 30.74 22.82 8.81
CA MET D 100 31.68 22.47 7.75
C MET D 100 33.13 22.76 8.12
N THR D 101 33.36 23.67 9.07
CA THR D 101 34.70 23.95 9.61
C THR D 101 35.00 23.17 10.89
N GLU D 102 34.01 23.01 11.77
CA GLU D 102 34.12 22.21 12.98
C GLU D 102 33.27 20.95 12.87
N LEU D 103 33.26 20.34 11.67
CA LEU D 103 32.41 19.18 11.43
C LEU D 103 32.61 18.10 12.48
N GLY D 104 33.86 17.83 12.84
CA GLY D 104 34.14 16.73 13.75
C GLY D 104 33.41 16.86 15.08
N TYR D 105 33.31 18.08 15.59
CA TYR D 105 32.69 18.32 16.88
C TYR D 105 31.17 18.26 16.82
N HIS D 106 30.59 17.93 15.67
CA HIS D 106 29.15 17.82 15.54
C HIS D 106 28.68 16.53 14.85
N HIS D 107 29.61 15.68 14.41
CA HIS D 107 29.25 14.28 14.34
C HIS D 107 29.28 13.63 15.71
N VAL D 108 29.76 14.35 16.72
CA VAL D 108 29.59 13.95 18.10
C VAL D 108 28.69 14.90 18.86
N VAL D 109 28.51 16.14 18.37
CA VAL D 109 27.64 17.10 19.05
C VAL D 109 26.20 16.59 19.08
N HIS D 110 25.72 16.05 17.96
CA HIS D 110 24.34 15.57 17.91
C HIS D 110 24.29 14.14 17.38
N GLN D 111 25.21 13.79 16.50
CA GLN D 111 25.25 12.43 15.95
C GLN D 111 26.14 11.48 16.74
N GLY D 112 26.87 11.97 17.76
CA GLY D 112 27.59 11.08 18.64
C GLY D 112 26.68 10.17 19.45
N VAL D 113 25.38 10.45 19.47
CA VAL D 113 24.40 9.65 20.20
C VAL D 113 23.91 8.51 19.32
N ARG D 114 24.56 8.35 18.16
CA ARG D 114 24.07 7.40 17.16
C ARG D 114 24.03 5.97 17.69
N TYR D 115 25.10 5.53 18.35
CA TYR D 115 25.21 4.15 18.78
C TYR D 115 25.38 4.04 20.29
N GLN D 116 24.55 4.75 21.04
CA GLN D 116 24.57 4.73 22.50
C GLN D 116 23.86 3.53 23.09
N ALA D 117 23.40 2.58 22.26
CA ALA D 117 22.70 1.42 22.79
C ALA D 117 23.59 0.52 23.64
N SER D 118 24.91 0.67 23.54
CA SER D 118 25.83 -0.20 24.28
C SER D 118 25.89 0.16 25.76
N THR D 119 25.68 1.42 26.11
CA THR D 119 25.65 1.90 27.49
C THR D 119 26.90 1.45 28.25
N ALA D 120 28.04 1.97 27.79
CA ALA D 120 29.30 1.82 28.51
C ALA D 120 29.32 2.80 29.69
N LEU D 121 28.29 2.69 30.51
CA LEU D 121 28.04 3.65 31.58
C LEU D 121 28.67 3.12 32.88
N LYS D 122 29.70 3.80 33.34
CA LYS D 122 30.23 3.61 34.68
C LYS D 122 29.55 4.60 35.62
N ILE D 123 30.09 4.76 36.83
CA ILE D 123 29.60 5.82 37.70
C ILE D 123 29.77 7.20 37.08
N ARG D 124 30.55 7.31 36.01
CA ARG D 124 30.81 8.58 35.34
C ARG D 124 29.89 8.86 34.17
N GLN D 125 29.36 7.82 33.51
CA GLN D 125 28.45 8.04 32.40
C GLN D 125 27.18 8.76 32.83
N ARG D 126 26.87 8.76 34.12
CA ARG D 126 25.73 9.52 34.62
C ARG D 126 26.05 11.00 34.69
N ASP D 127 27.10 11.36 35.43
CA ASP D 127 27.37 12.77 35.73
C ASP D 127 27.92 13.54 34.54
N ALA D 128 28.36 12.85 33.49
CA ALA D 128 28.92 13.52 32.32
C ALA D 128 28.15 13.23 31.05
N LEU D 129 27.96 11.95 30.70
CA LEU D 129 27.19 11.60 29.53
C LEU D 129 25.82 12.25 29.56
N ALA D 130 25.05 11.96 30.61
CA ALA D 130 23.74 12.59 30.76
C ALA D 130 23.86 14.10 30.94
N ALA D 131 24.84 14.54 31.71
CA ALA D 131 25.00 15.97 31.99
C ALA D 131 25.34 16.78 30.75
N LEU D 132 25.83 16.13 29.68
CA LEU D 132 26.15 16.84 28.46
C LEU D 132 25.12 16.64 27.36
N ASN D 133 24.32 15.58 27.40
CA ASN D 133 23.18 15.47 26.50
C ASN D 133 22.27 16.68 26.66
N GLU D 134 22.06 17.12 27.91
CA GLU D 134 21.24 18.28 28.17
C GLU D 134 21.97 19.59 27.87
N LEU D 135 23.31 19.60 27.96
CA LEU D 135 24.06 20.78 27.54
C LEU D 135 23.93 21.05 26.05
N ARG D 136 23.46 20.08 25.27
CA ARG D 136 23.10 20.31 23.87
C ARG D 136 21.63 20.67 23.73
N ARG D 137 20.75 19.92 24.39
CA ARG D 137 19.33 20.26 24.37
C ARG D 137 19.09 21.67 24.89
N ASP D 138 20.00 22.18 25.73
CA ASP D 138 19.90 23.55 26.18
C ASP D 138 20.19 24.53 25.06
N TYR D 139 21.03 24.13 24.09
CA TYR D 139 21.23 24.96 22.91
C TYR D 139 20.10 24.77 21.90
N GLU D 140 19.49 23.58 21.87
CA GLU D 140 18.22 23.42 21.19
C GLU D 140 17.15 24.32 21.81
N LEU D 141 17.24 24.56 23.12
CA LEU D 141 16.28 25.42 23.81
C LEU D 141 16.20 26.79 23.15
N MET D 142 17.31 27.54 23.15
CA MET D 142 17.29 28.89 22.60
C MET D 142 16.80 28.88 21.16
N PHE D 143 17.24 27.89 20.37
CA PHE D 143 16.83 27.83 18.98
C PHE D 143 15.33 27.59 18.86
N ARG D 144 14.78 26.70 19.70
CA ARG D 144 13.33 26.55 19.79
C ARG D 144 12.67 27.84 20.25
N ARG D 145 13.27 28.50 21.25
CA ARG D 145 12.72 29.77 21.72
C ARG D 145 12.74 30.83 20.63
N VAL D 146 13.71 30.76 19.70
CA VAL D 146 13.72 31.66 18.55
C VAL D 146 12.78 31.18 17.45
N VAL D 147 12.15 30.03 17.62
CA VAL D 147 11.20 29.54 16.62
C VAL D 147 9.77 29.97 16.93
N ALA D 148 9.45 30.22 18.20
CA ALA D 148 8.09 30.57 18.61
C ALA D 148 7.94 32.04 19.01
N GLU D 149 9.03 32.75 19.28
CA GLU D 149 8.96 34.20 19.43
C GLU D 149 9.16 34.92 18.12
N GLY D 150 8.97 34.22 17.01
CA GLY D 150 8.74 34.86 15.73
C GLY D 150 7.35 34.50 15.27
N ILE D 151 6.69 33.63 16.05
CA ILE D 151 5.28 33.33 15.84
C ILE D 151 4.39 34.09 16.79
N ALA D 152 4.91 34.50 17.95
CA ALA D 152 4.25 35.46 18.81
C ALA D 152 4.66 36.89 18.49
N ASP D 153 5.60 37.08 17.58
CA ASP D 153 5.99 38.39 17.08
C ASP D 153 5.69 38.55 15.60
N GLY D 154 6.07 37.58 14.76
CA GLY D 154 5.57 37.55 13.40
C GLY D 154 6.56 37.33 12.27
N SER D 155 7.87 37.40 12.55
CA SER D 155 8.84 37.41 11.46
C SER D 155 8.77 36.11 10.65
N LEU D 156 8.85 34.97 11.32
CA LEU D 156 8.52 33.69 10.71
C LEU D 156 7.10 33.34 11.11
N ARG D 157 6.21 33.19 10.14
CA ARG D 157 4.82 33.02 10.48
C ARG D 157 4.61 31.74 11.28
N VAL D 158 3.53 31.72 12.06
CA VAL D 158 3.38 30.79 13.16
C VAL D 158 3.23 29.36 12.63
N VAL D 159 4.04 28.45 13.17
CA VAL D 159 3.93 27.02 12.95
C VAL D 159 3.80 26.34 14.31
N ASP D 160 3.73 25.01 14.29
CA ASP D 160 3.59 24.27 15.54
C ASP D 160 4.77 24.56 16.46
N GLU D 161 4.50 24.63 17.76
CA GLU D 161 5.45 25.18 18.71
C GLU D 161 6.80 24.49 18.63
N ALA D 162 6.84 23.20 18.97
CA ALA D 162 8.11 22.48 19.10
C ALA D 162 8.44 21.59 17.91
N LEU D 163 7.44 21.21 17.10
CA LEU D 163 7.71 20.36 15.95
C LEU D 163 8.66 21.05 14.98
N ALA D 164 8.42 22.32 14.67
CA ALA D 164 9.32 23.04 13.77
C ALA D 164 10.73 23.11 14.33
N THR D 165 10.87 23.04 15.66
CA THR D 165 12.20 23.13 16.25
C THR D 165 13.00 21.85 16.01
N ARG D 166 12.38 20.68 16.18
CA ARG D 166 13.08 19.43 15.86
C ARG D 166 13.38 19.34 14.38
N THR D 167 12.41 19.70 13.54
CA THR D 167 12.64 19.77 12.11
C THR D 167 13.79 20.70 11.79
N LEU D 168 14.04 21.70 12.64
CA LEU D 168 15.01 22.74 12.34
C LEU D 168 16.41 22.32 12.74
N LEU D 169 16.63 21.98 14.02
CA LEU D 169 17.92 21.44 14.41
C LEU D 169 18.22 20.10 13.73
N SER D 170 17.19 19.37 13.30
CA SER D 170 17.43 18.17 12.50
C SER D 170 18.00 18.52 11.13
N ASN D 171 17.45 19.55 10.50
CA ASN D 171 17.85 19.93 9.15
C ASN D 171 19.20 20.64 9.12
N LEU D 172 19.73 21.05 10.27
CA LEU D 172 21.02 21.75 10.33
C LEU D 172 22.18 20.77 10.55
N ASN D 173 22.16 20.06 11.67
CA ASN D 173 23.20 19.08 11.99
C ASN D 173 23.12 17.82 11.15
N ALA D 174 22.10 17.67 10.31
CA ALA D 174 21.98 16.54 9.40
C ALA D 174 22.61 16.80 8.03
N VAL D 175 23.17 18.00 7.82
CA VAL D 175 23.92 18.26 6.59
C VAL D 175 25.32 17.66 6.64
N ASP D 176 25.73 17.14 7.78
CA ASP D 176 27.06 16.60 8.00
C ASP D 176 27.27 15.24 7.37
N MET D 177 26.37 14.79 6.48
CA MET D 177 26.49 13.46 5.89
C MET D 177 27.20 13.47 4.55
N TRP D 178 27.31 14.62 3.88
CA TRP D 178 27.82 14.64 2.53
C TRP D 178 28.72 15.83 2.20
N TYR D 179 29.21 16.59 3.19
CA TYR D 179 30.09 17.73 2.92
C TYR D 179 31.54 17.27 3.03
N ARG D 180 32.18 17.04 1.89
CA ARG D 180 33.62 16.78 1.85
C ARG D 180 34.34 18.12 1.91
N ARG D 181 34.98 18.41 3.05
CA ARG D 181 35.68 19.67 3.21
C ARG D 181 36.59 19.93 2.02
N ILE D 182 36.32 21.02 1.31
CA ILE D 182 37.07 21.38 0.11
C ILE D 182 38.30 22.17 0.54
N GLU D 183 39.47 21.56 0.40
CA GLU D 183 40.71 22.28 0.71
C GLU D 183 40.85 23.52 -0.17
N GLY D 184 40.42 23.43 -1.43
CA GLY D 184 40.31 24.60 -2.27
C GLY D 184 39.24 25.58 -1.82
N GLN D 185 38.41 25.19 -0.85
CA GLN D 185 37.39 26.03 -0.27
C GLN D 185 37.92 26.72 0.98
N THR D 186 37.32 27.85 1.31
CA THR D 186 37.77 28.71 2.38
C THR D 186 36.86 28.57 3.61
N LEU D 187 37.09 29.44 4.60
CA LEU D 187 36.14 29.68 5.67
C LEU D 187 35.16 30.79 5.30
N ASP D 188 35.22 31.29 4.08
CA ASP D 188 34.27 32.26 3.54
C ASP D 188 33.52 31.75 2.32
N GLU D 189 34.17 30.94 1.46
CA GLU D 189 33.44 30.23 0.41
C GLU D 189 32.47 29.23 1.02
N ILE D 190 32.89 28.56 2.10
CA ILE D 190 31.95 27.80 2.92
C ILE D 190 30.96 28.76 3.58
N ASN D 191 31.40 29.97 3.95
CA ASN D 191 30.54 30.92 4.63
C ASN D 191 29.45 31.50 3.72
N GLU D 192 29.58 31.35 2.40
CA GLU D 192 28.54 31.79 1.48
C GLU D 192 27.54 30.69 1.16
N LEU D 193 27.68 29.53 1.77
CA LEU D 193 26.73 28.43 1.62
C LEU D 193 25.97 28.11 2.90
N ALA D 194 26.59 28.27 4.07
CA ALA D 194 25.87 28.05 5.33
C ALA D 194 24.60 28.88 5.36
N THR D 195 24.66 30.11 4.89
CA THR D 195 23.48 30.94 4.70
C THR D 195 22.88 30.78 3.32
N ASN D 196 23.49 29.95 2.46
CA ASN D 196 22.91 29.62 1.17
C ASN D 196 21.66 28.75 1.30
N VAL D 197 21.39 28.23 2.49
CA VAL D 197 20.21 27.42 2.73
C VAL D 197 19.50 27.90 3.99
N VAL D 198 20.19 28.72 4.80
CA VAL D 198 19.59 29.22 6.03
C VAL D 198 18.31 30.00 5.75
N ASP D 199 18.17 30.54 4.55
CA ASP D 199 16.93 31.16 4.10
C ASP D 199 16.14 30.24 3.18
N LEU D 200 16.53 28.97 3.08
CA LEU D 200 15.89 28.02 2.18
C LEU D 200 15.01 27.04 2.95
N GLY D 204 11.33 28.01 2.91
CA GLY D 204 11.01 26.78 2.20
C GLY D 204 11.26 26.86 0.71
N MET D 205 10.62 25.97 -0.04
CA MET D 205 10.82 25.86 -1.48
C MET D 205 9.48 25.87 -2.24
N ALA D 206 8.47 26.54 -1.69
CA ALA D 206 7.17 26.64 -2.33
C ALA D 206 6.79 28.11 -2.46
N ASN D 207 6.11 28.42 -3.56
CA ASN D 207 5.68 29.79 -3.84
C ASN D 207 4.35 30.11 -3.17
#